data_6H72
#
_entry.id   6H72
#
_cell.length_a   95.650
_cell.length_b   112.310
_cell.length_c   121.350
_cell.angle_alpha   90.00
_cell.angle_beta   99.95
_cell.angle_gamma   90.00
#
_symmetry.space_group_name_H-M   'C 1 2 1'
#
loop_
_entity.id
_entity.type
_entity.pdbx_description
1 polymer 'Capsid protein VP1'
2 polymer 'Nanobody (VHH) Nano-94'
3 branched alpha-L-fucopyranose-(1-2)-beta-D-galactopyranose-(1-4)-alpha-D-glucopyranose
4 non-polymer 1,2-ETHANEDIOL
5 water water
#
loop_
_entity_poly.entity_id
_entity_poly.type
_entity_poly.pdbx_seq_one_letter_code
_entity_poly.pdbx_strand_id
1 'polypeptide(L)'
;KTRPFTLPNLPLSSLSNSRAPLPISSIGISPDNVQSVQFQNGRCTLDGRLVGTTPVSLSHVAKIRGTSNGTVINLTELDG
TPFHPFEGPAPIGFPDLGGCDWHINMTQFGHSSQTQYDVDTTPDTFVPHLGSIQANGIGSGNYVGVLSWISPPSHPSGSQ
VDLWKIPNYGSSITEATHLAPSVYPPGFGEVLVFFMSKMPGPGAYNLPCLLPQEYISHLASEQAPTVGEAALLHYVDPDT
GRNLGEFKAYPDGFLTCVPNGASSGPQQLPINGVFVFVSWVSRFYQLKPVGT
;
A,B
2 'polypeptide(L)'
;QVQLQESGGGLVQAGGSLRLSCAASGRMFSINSMGWYRQAPGKERELVATISEAGTTTYADSVRGRFTIARDNAKNTVYL
QMNSLNPEDTAVYYCNAYIQLDSTIWFRAYWGQGTQVTVSSGRYPYDVPDYGSGRA
;
C,D
#
loop_
_chem_comp.id
_chem_comp.type
_chem_comp.name
_chem_comp.formula
EDO non-polymer 1,2-ETHANEDIOL 'C2 H6 O2'
FUC L-saccharide, alpha linking alpha-L-fucopyranose 'C6 H12 O5'
GAL D-saccharide, beta linking beta-D-galactopyranose 'C6 H12 O6'
GLC D-saccharide, alpha linking alpha-D-glucopyranose 'C6 H12 O6'
#
# COMPACT_ATOMS: atom_id res chain seq x y z
N ARG A 3 -4.15 -30.45 -16.28
CA ARG A 3 -3.02 -29.52 -16.21
C ARG A 3 -2.05 -29.83 -15.08
N PRO A 4 -0.77 -29.96 -15.42
CA PRO A 4 0.23 -30.26 -14.39
C PRO A 4 0.33 -29.15 -13.36
N PHE A 5 0.42 -29.56 -12.10
CA PHE A 5 0.51 -28.60 -11.01
C PHE A 5 1.87 -27.92 -11.03
N THR A 6 1.87 -26.62 -10.79
CA THR A 6 3.09 -25.83 -10.77
C THR A 6 2.99 -24.80 -9.67
N LEU A 7 4.15 -24.33 -9.24
CA LEU A 7 4.29 -23.16 -8.40
C LEU A 7 5.12 -22.15 -9.17
N PRO A 8 5.00 -20.86 -8.86
CA PRO A 8 5.75 -19.84 -9.63
C PRO A 8 7.25 -20.09 -9.54
N ASN A 9 7.91 -19.89 -10.68
CA ASN A 9 9.37 -20.02 -10.77
C ASN A 9 10.00 -18.66 -10.45
N LEU A 10 9.86 -18.27 -9.19
CA LEU A 10 10.36 -17.00 -8.69
C LEU A 10 10.94 -17.17 -7.28
N PRO A 11 12.02 -16.45 -6.96
CA PRO A 11 12.61 -16.58 -5.62
C PRO A 11 11.70 -15.94 -4.58
N LEU A 12 11.67 -16.56 -3.39
CA LEU A 12 10.79 -16.08 -2.32
C LEU A 12 11.05 -14.61 -2.00
N SER A 13 12.32 -14.20 -2.04
CA SER A 13 12.70 -12.83 -1.68
C SER A 13 12.06 -11.79 -2.58
N SER A 14 11.53 -12.19 -3.74
CA SER A 14 10.87 -11.25 -4.64
C SER A 14 9.36 -11.28 -4.51
N LEU A 15 8.81 -12.04 -3.57
CA LEU A 15 7.38 -12.24 -3.43
C LEU A 15 6.85 -11.45 -2.22
N SER A 16 5.54 -11.47 -2.07
CA SER A 16 4.85 -10.65 -1.08
C SER A 16 4.12 -11.50 -0.06
N ASN A 17 4.01 -10.98 1.16
CA ASN A 17 3.10 -11.53 2.16
C ASN A 17 1.67 -11.47 1.62
N SER A 18 0.82 -12.34 2.15
CA SER A 18 -0.57 -12.36 1.73
C SER A 18 -1.52 -11.82 2.78
N ARG A 19 -1.00 -11.36 3.93
CA ARG A 19 -1.81 -10.71 4.95
C ARG A 19 -1.54 -9.22 5.07
N ALA A 20 -0.56 -8.69 4.33
CA ALA A 20 -0.26 -7.27 4.23
C ALA A 20 0.66 -7.05 3.03
N PRO A 21 0.65 -5.86 2.40
CA PRO A 21 1.51 -5.67 1.21
C PRO A 21 2.97 -5.47 1.61
N LEU A 22 3.62 -6.55 2.03
CA LEU A 22 4.99 -6.48 2.51
C LEU A 22 5.84 -7.54 1.83
N PRO A 23 7.08 -7.20 1.48
CA PRO A 23 7.96 -8.21 0.90
C PRO A 23 8.30 -9.30 1.90
N ILE A 24 8.46 -10.52 1.39
CA ILE A 24 8.85 -11.65 2.23
C ILE A 24 10.34 -11.54 2.54
N SER A 25 10.69 -11.67 3.82
CA SER A 25 12.07 -11.58 4.25
C SER A 25 12.62 -12.84 4.91
N SER A 26 11.77 -13.80 5.29
CA SER A 26 12.28 -15.04 5.87
C SER A 26 11.21 -16.13 5.82
N ILE A 27 11.68 -17.37 5.98
CA ILE A 27 10.84 -18.53 6.22
C ILE A 27 10.82 -18.79 7.72
N GLY A 28 9.64 -19.10 8.27
CA GLY A 28 9.52 -19.27 9.69
C GLY A 28 8.64 -20.46 10.05
N ILE A 29 8.75 -20.86 11.31
CA ILE A 29 7.85 -21.82 11.93
C ILE A 29 7.27 -21.17 13.17
N SER A 30 6.15 -21.70 13.63
CA SER A 30 5.46 -21.09 14.75
C SER A 30 6.12 -21.48 16.08
N PRO A 31 5.95 -20.66 17.12
CA PRO A 31 6.35 -21.09 18.46
C PRO A 31 5.65 -22.37 18.86
N ASP A 32 6.19 -23.01 19.89
CA ASP A 32 5.66 -24.32 20.29
C ASP A 32 4.24 -24.22 20.79
N ASN A 33 3.87 -23.09 21.41
CA ASN A 33 2.53 -22.88 21.93
C ASN A 33 1.54 -22.41 20.87
N VAL A 34 1.92 -22.42 19.60
CA VAL A 34 1.00 -22.14 18.50
C VAL A 34 0.78 -23.46 17.78
N GLN A 35 -0.39 -24.07 17.99
CA GLN A 35 -0.66 -25.41 17.48
C GLN A 35 -1.77 -25.41 16.44
N SER A 36 -2.17 -24.24 15.95
CA SER A 36 -3.05 -24.09 14.79
C SER A 36 -3.20 -22.61 14.49
N VAL A 37 -3.50 -22.28 13.23
CA VAL A 37 -3.75 -20.89 12.84
C VAL A 37 -5.04 -20.86 12.03
N GLN A 38 -5.64 -19.68 11.97
CA GLN A 38 -6.92 -19.51 11.27
C GLN A 38 -6.91 -18.23 10.46
N PHE A 39 -5.78 -17.93 9.81
CA PHE A 39 -5.68 -16.76 8.94
C PHE A 39 -6.84 -16.76 7.96
N GLN A 40 -7.41 -15.58 7.73
CA GLN A 40 -8.50 -15.45 6.77
C GLN A 40 -8.04 -14.89 5.42
N ASN A 41 -6.91 -14.20 5.39
CA ASN A 41 -6.26 -13.83 4.15
C ASN A 41 -5.08 -14.78 3.90
N GLY A 42 -4.64 -14.84 2.66
CA GLY A 42 -3.61 -15.79 2.28
C GLY A 42 -4.08 -17.23 2.30
N ARG A 43 -5.34 -17.48 1.96
CA ARG A 43 -5.94 -18.81 2.00
C ARG A 43 -6.40 -19.17 0.59
N CYS A 44 -5.75 -20.16 -0.01
CA CYS A 44 -6.10 -20.63 -1.34
C CYS A 44 -5.81 -22.12 -1.44
N THR A 45 -6.69 -22.87 -2.09
CA THR A 45 -6.45 -24.29 -2.29
C THR A 45 -5.41 -24.51 -3.39
N LEU A 46 -4.91 -25.74 -3.47
CA LEU A 46 -3.94 -26.06 -4.50
C LEU A 46 -4.55 -26.06 -5.89
N ASP A 47 -5.86 -26.26 -6.01
CA ASP A 47 -6.53 -26.16 -7.29
C ASP A 47 -7.15 -24.77 -7.52
N GLY A 48 -6.77 -23.78 -6.70
CA GLY A 48 -7.11 -22.40 -6.99
C GLY A 48 -8.44 -21.89 -6.47
N ARG A 49 -8.93 -22.41 -5.34
CA ARG A 49 -10.16 -21.90 -4.73
C ARG A 49 -9.77 -20.93 -3.61
N LEU A 50 -10.19 -19.68 -3.75
CA LEU A 50 -9.92 -18.69 -2.72
C LEU A 50 -10.77 -18.99 -1.48
N VAL A 51 -10.16 -18.82 -0.32
CA VAL A 51 -10.80 -19.19 0.95
C VAL A 51 -10.76 -17.99 1.89
N GLY A 52 -11.77 -17.89 2.74
CA GLY A 52 -11.82 -16.78 3.69
C GLY A 52 -12.14 -15.48 2.98
N THR A 53 -11.40 -14.43 3.32
CA THR A 53 -11.51 -13.14 2.65
C THR A 53 -10.37 -12.89 1.67
N THR A 54 -9.68 -13.95 1.25
CA THR A 54 -8.48 -13.81 0.41
C THR A 54 -8.83 -13.27 -0.97
N PRO A 55 -8.17 -12.22 -1.43
CA PRO A 55 -8.33 -11.76 -2.81
C PRO A 55 -7.28 -12.38 -3.73
N VAL A 56 -7.50 -12.15 -5.03
CA VAL A 56 -6.54 -12.62 -6.03
C VAL A 56 -5.27 -11.76 -6.01
N SER A 57 -5.42 -10.46 -5.87
CA SER A 57 -4.33 -9.52 -6.08
C SER A 57 -3.96 -8.82 -4.78
N LEU A 58 -2.66 -8.50 -4.65
CA LEU A 58 -2.18 -7.78 -3.49
C LEU A 58 -2.83 -6.40 -3.34
N SER A 59 -3.32 -5.83 -4.43
CA SER A 59 -3.94 -4.51 -4.34
C SER A 59 -5.24 -4.51 -3.55
N HIS A 60 -5.71 -5.68 -3.10
CA HIS A 60 -6.90 -5.79 -2.25
C HIS A 60 -6.57 -6.21 -0.83
N VAL A 61 -5.30 -6.43 -0.51
CA VAL A 61 -4.91 -7.12 0.72
C VAL A 61 -4.74 -6.10 1.85
N ALA A 62 -5.37 -6.40 2.99
CA ALA A 62 -5.31 -5.56 4.20
C ALA A 62 -5.82 -4.15 3.90
N LYS A 63 -6.95 -4.08 3.18
CA LYS A 63 -7.56 -2.82 2.79
C LYS A 63 -9.01 -2.80 3.27
N ILE A 64 -9.52 -1.59 3.45
CA ILE A 64 -10.91 -1.38 3.81
C ILE A 64 -11.48 -0.28 2.91
N ARG A 65 -12.80 -0.32 2.74
CA ARG A 65 -13.52 0.74 2.06
C ARG A 65 -14.87 0.94 2.73
N GLY A 66 -15.25 2.19 2.94
CA GLY A 66 -16.53 2.46 3.57
C GLY A 66 -16.76 3.95 3.75
N THR A 67 -17.95 4.25 4.24
CA THR A 67 -18.40 5.62 4.47
C THR A 67 -18.55 5.85 5.96
N SER A 68 -17.85 6.86 6.48
CA SER A 68 -17.98 7.26 7.88
C SER A 68 -19.09 8.29 8.02
N ASN A 69 -19.81 8.21 9.15
CA ASN A 69 -20.73 9.28 9.55
C ASN A 69 -20.24 9.99 10.80
N GLY A 70 -18.96 9.82 11.15
CA GLY A 70 -18.40 10.34 12.38
C GLY A 70 -18.43 9.35 13.53
N THR A 71 -19.41 8.44 13.55
CA THR A 71 -19.55 7.43 14.58
C THR A 71 -19.14 6.04 14.11
N VAL A 72 -19.70 5.56 13.00
CA VAL A 72 -19.36 4.26 12.44
C VAL A 72 -18.87 4.42 11.01
N ILE A 73 -18.08 3.45 10.56
CA ILE A 73 -17.71 3.29 9.16
C ILE A 73 -18.50 2.12 8.61
N ASN A 74 -19.40 2.38 7.68
CA ASN A 74 -20.19 1.33 7.04
C ASN A 74 -19.42 0.79 5.85
N LEU A 75 -18.99 -0.46 5.94
CA LEU A 75 -18.08 -1.06 4.97
C LEU A 75 -18.78 -1.50 3.69
N THR A 76 -18.05 -1.44 2.59
CA THR A 76 -18.42 -2.05 1.32
C THR A 76 -17.26 -2.93 0.86
N GLU A 77 -17.42 -3.58 -0.28
CA GLU A 77 -16.25 -4.18 -0.88
C GLU A 77 -15.38 -3.10 -1.50
N LEU A 78 -14.13 -3.46 -1.79
CA LEU A 78 -13.15 -2.45 -2.18
C LEU A 78 -13.53 -1.73 -3.47
N ASP A 79 -14.30 -2.39 -4.35
CA ASP A 79 -14.77 -1.72 -5.57
C ASP A 79 -16.02 -0.88 -5.34
N GLY A 80 -16.49 -0.77 -4.10
CA GLY A 80 -17.64 0.05 -3.75
C GLY A 80 -18.99 -0.65 -3.79
N THR A 81 -19.08 -1.84 -4.38
CA THR A 81 -20.31 -2.61 -4.32
C THR A 81 -20.61 -3.04 -2.89
N PRO A 82 -21.89 -3.20 -2.55
CA PRO A 82 -22.25 -3.53 -1.16
C PRO A 82 -21.66 -4.84 -0.68
N PHE A 83 -21.31 -4.87 0.60
CA PHE A 83 -20.89 -6.08 1.29
C PHE A 83 -22.11 -6.77 1.87
N HIS A 84 -22.25 -8.07 1.60
CA HIS A 84 -23.39 -8.83 2.10
C HIS A 84 -22.99 -9.64 3.33
N PRO A 85 -23.56 -9.34 4.49
CA PRO A 85 -23.16 -10.05 5.71
C PRO A 85 -23.52 -11.53 5.68
N PHE A 86 -22.82 -12.28 6.54
CA PHE A 86 -23.05 -13.72 6.75
C PHE A 86 -22.68 -14.57 5.53
N GLU A 87 -21.73 -14.12 4.72
CA GLU A 87 -21.10 -14.96 3.73
C GLU A 87 -19.62 -15.14 3.99
N GLY A 88 -19.08 -14.43 4.99
CA GLY A 88 -17.70 -14.48 5.37
C GLY A 88 -17.52 -13.56 6.56
N PRO A 89 -16.32 -13.55 7.16
CA PRO A 89 -16.12 -12.72 8.35
C PRO A 89 -16.01 -11.22 8.07
N ALA A 90 -15.80 -10.82 6.82
CA ALA A 90 -15.59 -9.41 6.50
C ALA A 90 -15.58 -9.23 4.99
N PRO A 91 -15.55 -8.00 4.47
CA PRO A 91 -15.35 -7.82 3.03
C PRO A 91 -14.03 -8.41 2.59
N ILE A 92 -13.94 -8.74 1.30
CA ILE A 92 -12.72 -9.31 0.74
C ILE A 92 -11.56 -8.36 1.00
N GLY A 93 -10.45 -8.93 1.48
CA GLY A 93 -9.24 -8.17 1.72
C GLY A 93 -9.15 -7.49 3.07
N PHE A 94 -10.23 -7.51 3.85
CA PHE A 94 -10.23 -6.88 5.16
C PHE A 94 -9.09 -7.45 6.01
N PRO A 95 -8.37 -6.61 6.77
CA PRO A 95 -7.22 -7.11 7.54
C PRO A 95 -7.63 -8.20 8.51
N ASP A 96 -6.72 -9.16 8.72
CA ASP A 96 -6.96 -10.31 9.58
C ASP A 96 -5.91 -10.45 10.67
N LEU A 97 -5.25 -9.35 11.03
CA LEU A 97 -4.20 -9.36 12.04
C LEU A 97 -4.82 -9.26 13.42
N GLY A 98 -4.87 -10.39 14.13
CA GLY A 98 -5.20 -10.36 15.54
C GLY A 98 -4.03 -9.90 16.39
N GLY A 99 -4.31 -9.72 17.67
CA GLY A 99 -3.25 -9.46 18.63
C GLY A 99 -2.50 -8.16 18.42
N CYS A 100 -3.16 -7.14 17.87
CA CYS A 100 -2.54 -5.83 17.71
C CYS A 100 -3.62 -4.80 17.44
N ASP A 101 -3.23 -3.53 17.58
CA ASP A 101 -4.00 -2.43 17.04
C ASP A 101 -3.56 -2.13 15.61
N TRP A 102 -4.51 -1.74 14.77
CA TRP A 102 -4.22 -1.42 13.39
C TRP A 102 -4.14 0.09 13.21
N HIS A 103 -3.29 0.51 12.28
CA HIS A 103 -3.23 1.90 11.88
C HIS A 103 -3.33 1.95 10.36
N ILE A 104 -4.49 2.39 9.89
CA ILE A 104 -4.90 2.31 8.50
C ILE A 104 -4.80 3.70 7.90
N ASN A 105 -4.08 3.81 6.79
CA ASN A 105 -3.94 5.09 6.11
C ASN A 105 -5.14 5.29 5.21
N MET A 106 -5.97 6.27 5.54
CA MET A 106 -7.20 6.53 4.80
C MET A 106 -6.99 7.66 3.80
N THR A 107 -7.38 7.41 2.56
CA THR A 107 -7.37 8.40 1.49
C THR A 107 -8.74 8.45 0.86
N GLN A 108 -8.96 9.43 0.00
CA GLN A 108 -10.24 9.58 -0.67
C GLN A 108 -10.06 9.94 -2.13
N PHE A 109 -10.98 9.43 -2.95
CA PHE A 109 -11.05 9.82 -4.35
C PHE A 109 -11.69 11.19 -4.47
N GLY A 110 -10.99 12.13 -5.09
CA GLY A 110 -11.51 13.48 -5.28
C GLY A 110 -11.22 14.45 -4.16
N HIS A 111 -10.43 14.06 -3.16
CA HIS A 111 -10.08 14.97 -2.08
C HIS A 111 -8.60 14.82 -1.74
N SER A 112 -8.05 15.88 -1.15
CA SER A 112 -6.67 15.83 -0.69
C SER A 112 -6.57 15.07 0.63
N SER A 113 -5.32 14.81 1.04
CA SER A 113 -4.95 14.43 2.40
C SER A 113 -5.13 12.95 2.71
N GLN A 114 -4.39 12.48 3.72
CA GLN A 114 -4.53 11.15 4.28
C GLN A 114 -4.77 11.28 5.78
N THR A 115 -5.39 10.24 6.36
CA THR A 115 -5.71 10.23 7.77
C THR A 115 -5.37 8.87 8.37
N GLN A 116 -4.70 8.89 9.52
CA GLN A 116 -4.43 7.66 10.26
C GLN A 116 -5.68 7.24 11.02
N TYR A 117 -6.18 6.05 10.71
CA TYR A 117 -7.34 5.47 11.36
C TYR A 117 -6.84 4.38 12.32
N ASP A 118 -7.10 4.57 13.61
CA ASP A 118 -6.60 3.67 14.64
C ASP A 118 -7.71 2.70 15.04
N VAL A 119 -7.44 1.41 14.90
CA VAL A 119 -8.45 0.37 15.04
C VAL A 119 -8.12 -0.50 16.25
N ASP A 120 -8.96 -0.40 17.27
CA ASP A 120 -9.06 -1.42 18.31
C ASP A 120 -10.02 -2.51 17.81
N THR A 121 -9.57 -3.76 17.79
CA THR A 121 -10.42 -4.83 17.29
C THR A 121 -11.22 -5.54 18.37
N THR A 122 -11.14 -5.07 19.63
CA THR A 122 -11.88 -5.70 20.73
C THR A 122 -13.23 -5.08 21.07
N PRO A 123 -13.51 -3.79 20.81
CA PRO A 123 -14.75 -3.22 21.33
C PRO A 123 -15.98 -3.80 20.64
N ASP A 124 -17.12 -3.64 21.32
CA ASP A 124 -18.38 -4.19 20.85
C ASP A 124 -18.85 -3.53 19.55
N THR A 125 -18.27 -2.37 19.21
CA THR A 125 -18.57 -1.68 17.95
C THR A 125 -17.83 -2.25 16.75
N PHE A 126 -16.83 -3.11 16.98
CA PHE A 126 -16.06 -3.73 15.90
C PHE A 126 -16.83 -4.95 15.42
N VAL A 127 -17.68 -4.76 14.42
CA VAL A 127 -18.46 -5.86 13.85
C VAL A 127 -18.27 -5.89 12.33
N PRO A 128 -17.06 -6.16 11.84
CA PRO A 128 -16.87 -6.21 10.37
C PRO A 128 -17.74 -7.25 9.68
N HIS A 129 -18.10 -8.35 10.37
CA HIS A 129 -18.93 -9.37 9.74
C HIS A 129 -20.35 -8.88 9.52
N LEU A 130 -20.75 -7.79 10.17
CA LEU A 130 -22.01 -7.12 9.85
C LEU A 130 -21.81 -5.84 9.05
N GLY A 131 -20.58 -5.56 8.63
CA GLY A 131 -20.32 -4.43 7.75
C GLY A 131 -20.16 -3.10 8.44
N SER A 132 -19.78 -3.07 9.72
CA SER A 132 -19.74 -1.83 10.47
C SER A 132 -18.60 -1.89 11.48
N ILE A 133 -17.79 -0.82 11.55
CA ILE A 133 -16.74 -0.70 12.55
C ILE A 133 -16.73 0.75 13.05
N GLN A 134 -16.19 0.93 14.26
CA GLN A 134 -16.20 2.25 14.88
C GLN A 134 -15.33 3.22 14.10
N ALA A 135 -15.82 4.45 13.94
CA ALA A 135 -15.08 5.45 13.18
C ALA A 135 -13.88 5.96 13.97
N ASN A 136 -13.96 5.98 15.30
CA ASN A 136 -12.88 6.44 16.17
C ASN A 136 -12.28 7.76 15.67
N GLY A 137 -13.14 8.74 15.44
CA GLY A 137 -12.71 10.08 15.09
C GLY A 137 -12.60 10.37 13.61
N ILE A 138 -12.72 9.37 12.74
CA ILE A 138 -12.70 9.61 11.31
C ILE A 138 -13.97 10.38 10.91
N GLY A 139 -13.79 11.56 10.33
CA GLY A 139 -14.93 12.38 9.95
C GLY A 139 -15.70 11.80 8.77
N SER A 140 -16.91 12.34 8.58
CA SER A 140 -17.81 11.86 7.54
C SER A 140 -17.17 11.90 6.16
N GLY A 141 -17.38 10.84 5.39
CA GLY A 141 -16.87 10.77 4.04
C GLY A 141 -16.67 9.33 3.63
N ASN A 142 -16.44 9.14 2.32
CA ASN A 142 -16.10 7.84 1.77
CA ASN A 142 -16.09 7.84 1.78
C ASN A 142 -14.57 7.73 1.68
N TYR A 143 -14.04 6.61 2.17
CA TYR A 143 -12.60 6.41 2.22
C TYR A 143 -12.21 5.07 1.64
N VAL A 144 -10.95 4.98 1.23
CA VAL A 144 -10.24 3.72 1.04
C VAL A 144 -9.05 3.75 1.99
N GLY A 145 -8.84 2.66 2.70
CA GLY A 145 -7.74 2.58 3.64
C GLY A 145 -6.94 1.30 3.42
N VAL A 146 -5.64 1.40 3.69
CA VAL A 146 -4.73 0.27 3.64
C VAL A 146 -3.96 0.23 4.95
N LEU A 147 -3.72 -0.98 5.45
CA LEU A 147 -2.97 -1.13 6.69
C LEU A 147 -1.57 -0.57 6.51
N SER A 148 -1.15 0.29 7.44
CA SER A 148 0.12 1.01 7.33
C SER A 148 1.14 0.55 8.36
N TRP A 149 0.73 0.42 9.62
CA TRP A 149 1.60 -0.08 10.67
C TRP A 149 0.72 -0.60 11.81
N ILE A 150 1.34 -1.28 12.76
CA ILE A 150 0.62 -1.87 13.89
C ILE A 150 1.36 -1.51 15.17
N SER A 151 0.67 -1.75 16.29
CA SER A 151 1.15 -1.41 17.62
C SER A 151 0.54 -2.39 18.60
N PRO A 152 1.08 -2.48 19.82
CA PRO A 152 0.50 -3.41 20.81
C PRO A 152 -0.99 -3.20 20.98
N PRO A 153 -1.74 -4.27 21.21
CA PRO A 153 -3.20 -4.14 21.33
C PRO A 153 -3.60 -3.29 22.53
N SER A 154 -4.68 -2.54 22.35
CA SER A 154 -5.20 -1.72 23.44
C SER A 154 -5.82 -2.56 24.55
N HIS A 155 -6.38 -3.72 24.20
CA HIS A 155 -6.99 -4.61 25.18
C HIS A 155 -6.71 -6.07 24.82
N PRO A 156 -6.35 -6.91 25.81
CA PRO A 156 -6.07 -6.54 27.20
C PRO A 156 -4.85 -5.64 27.32
N SER A 157 -4.89 -4.66 28.25
CA SER A 157 -3.81 -3.69 28.36
C SER A 157 -2.51 -4.39 28.73
N GLY A 158 -1.44 -4.03 28.03
CA GLY A 158 -0.12 -4.61 28.25
C GLY A 158 0.15 -5.89 27.50
N SER A 159 -0.80 -6.40 26.71
CA SER A 159 -0.57 -7.59 25.92
C SER A 159 0.52 -7.36 24.88
N GLN A 160 1.32 -8.39 24.64
CA GLN A 160 2.28 -8.36 23.55
C GLN A 160 1.57 -8.53 22.21
N VAL A 161 2.21 -8.04 21.15
CA VAL A 161 1.70 -8.29 19.81
C VAL A 161 1.77 -9.78 19.51
N ASP A 162 0.71 -10.32 18.90
CA ASP A 162 0.61 -11.76 18.63
C ASP A 162 -0.07 -11.92 17.27
N LEU A 163 0.74 -11.91 16.21
CA LEU A 163 0.21 -11.99 14.85
C LEU A 163 -0.14 -13.40 14.42
N TRP A 164 -0.03 -14.39 15.32
CA TRP A 164 -0.53 -15.72 15.03
C TRP A 164 -2.06 -15.81 15.15
N LYS A 165 -2.70 -14.74 15.61
CA LYS A 165 -4.14 -14.73 15.81
C LYS A 165 -4.82 -13.93 14.70
N ILE A 166 -6.14 -14.10 14.61
CA ILE A 166 -6.99 -13.26 13.78
C ILE A 166 -7.90 -12.49 14.73
N PRO A 167 -8.53 -11.40 14.31
CA PRO A 167 -9.46 -10.71 15.20
C PRO A 167 -10.77 -11.47 15.34
N ASN A 168 -11.48 -11.14 16.42
CA ASN A 168 -12.88 -11.52 16.53
C ASN A 168 -13.69 -10.56 15.65
N TYR A 169 -14.31 -11.10 14.61
CA TYR A 169 -15.00 -10.28 13.61
C TYR A 169 -16.36 -9.77 14.09
N GLY A 170 -16.68 -9.94 15.37
CA GLY A 170 -17.84 -9.28 15.96
C GLY A 170 -18.97 -10.20 16.34
N SER A 171 -18.69 -11.22 17.15
CA SER A 171 -19.72 -12.19 17.50
C SER A 171 -19.45 -12.79 18.88
N SER A 172 -20.51 -13.37 19.45
CA SER A 172 -20.42 -14.14 20.68
C SER A 172 -20.48 -15.65 20.42
N ILE A 173 -20.59 -16.05 19.15
CA ILE A 173 -20.52 -17.46 18.77
C ILE A 173 -19.51 -17.54 17.63
N THR A 174 -18.54 -18.45 17.73
CA THR A 174 -17.49 -18.54 16.72
C THR A 174 -18.07 -18.72 15.32
N GLU A 175 -19.02 -19.65 15.18
CA GLU A 175 -19.53 -20.01 13.86
C GLU A 175 -20.26 -18.87 13.16
N ALA A 176 -20.76 -17.89 13.91
CA ALA A 176 -21.57 -16.82 13.31
C ALA A 176 -20.83 -16.05 12.22
N THR A 177 -19.50 -15.98 12.29
CA THR A 177 -18.74 -15.17 11.34
C THR A 177 -18.26 -15.96 10.12
N HIS A 178 -18.55 -17.26 10.03
CA HIS A 178 -18.22 -18.07 8.87
C HIS A 178 -16.75 -17.95 8.47
N LEU A 179 -15.88 -18.20 9.44
CA LEU A 179 -14.46 -18.13 9.20
C LEU A 179 -14.02 -19.30 8.32
N ALA A 180 -12.97 -19.06 7.55
CA ALA A 180 -12.25 -20.16 6.94
C ALA A 180 -11.76 -21.09 8.05
N PRO A 181 -11.73 -22.41 7.82
CA PRO A 181 -11.37 -23.32 8.90
C PRO A 181 -9.91 -23.19 9.31
N SER A 182 -9.63 -23.67 10.52
CA SER A 182 -8.28 -23.64 11.06
C SER A 182 -7.35 -24.57 10.28
N VAL A 183 -6.06 -24.25 10.32
CA VAL A 183 -5.02 -25.07 9.72
C VAL A 183 -4.16 -25.63 10.84
N TYR A 184 -3.97 -26.96 10.85
CA TYR A 184 -3.23 -27.66 11.89
C TYR A 184 -1.96 -28.27 11.33
N PRO A 185 -0.88 -28.31 12.09
CA PRO A 185 0.28 -29.13 11.72
C PRO A 185 -0.13 -30.60 11.67
N PRO A 186 0.30 -31.33 10.64
CA PRO A 186 -0.21 -32.70 10.48
C PRO A 186 0.35 -33.68 11.48
N GLY A 187 1.45 -33.38 12.14
CA GLY A 187 2.02 -34.28 13.11
C GLY A 187 3.22 -35.04 12.56
N PHE A 188 3.68 -36.01 13.35
CA PHE A 188 4.76 -36.91 12.94
C PHE A 188 5.99 -36.12 12.48
N GLY A 189 6.29 -35.06 13.23
CA GLY A 189 7.42 -34.21 12.95
C GLY A 189 7.19 -33.14 11.91
N GLU A 190 6.05 -33.14 11.22
CA GLU A 190 5.76 -32.11 10.24
C GLU A 190 5.17 -30.89 10.93
N VAL A 191 5.77 -29.72 10.67
CA VAL A 191 5.29 -28.46 11.21
C VAL A 191 4.90 -27.56 10.04
N LEU A 192 4.02 -26.60 10.31
CA LEU A 192 3.62 -25.69 9.26
C LEU A 192 4.74 -24.71 8.95
N VAL A 193 4.84 -24.36 7.68
CA VAL A 193 5.85 -23.43 7.18
C VAL A 193 5.17 -22.09 6.94
N PHE A 194 5.80 -21.00 7.40
CA PHE A 194 5.23 -19.67 7.26
C PHE A 194 6.18 -18.75 6.51
N PHE A 195 5.60 -17.80 5.81
CA PHE A 195 6.34 -16.79 5.06
C PHE A 195 6.26 -15.48 5.83
N MET A 196 7.42 -15.00 6.29
CA MET A 196 7.50 -13.90 7.23
C MET A 196 7.76 -12.59 6.52
N SER A 197 7.20 -11.51 7.06
CA SER A 197 7.45 -10.16 6.59
C SER A 197 7.64 -9.25 7.78
N LYS A 198 8.58 -8.32 7.68
CA LYS A 198 8.78 -7.32 8.71
C LYS A 198 7.65 -6.30 8.62
N MET A 199 6.99 -6.04 9.74
CA MET A 199 5.87 -5.11 9.74
C MET A 199 6.21 -3.89 10.56
N PRO A 200 6.07 -2.68 10.01
CA PRO A 200 6.43 -1.47 10.75
C PRO A 200 5.60 -1.28 12.01
N GLY A 201 6.19 -0.61 12.99
CA GLY A 201 5.59 -0.40 14.29
C GLY A 201 6.63 -0.46 15.39
N PRO A 202 6.25 -0.09 16.63
CA PRO A 202 7.25 0.03 17.70
C PRO A 202 7.74 -1.31 18.26
N GLY A 203 8.05 -2.26 17.38
CA GLY A 203 8.58 -3.54 17.84
C GLY A 203 9.14 -4.31 16.67
N ALA A 204 9.73 -5.46 16.98
CA ALA A 204 10.30 -6.34 15.97
C ALA A 204 9.22 -7.29 15.45
N TYR A 205 8.28 -6.72 14.71
CA TYR A 205 7.06 -7.42 14.34
C TYR A 205 7.29 -8.23 13.07
N ASN A 206 6.96 -9.53 13.14
CA ASN A 206 7.11 -10.45 12.03
C ASN A 206 5.75 -11.05 11.72
N LEU A 207 5.24 -10.77 10.53
CA LEU A 207 3.89 -11.18 10.18
C LEU A 207 3.95 -12.49 9.38
N PRO A 208 3.40 -13.58 9.91
CA PRO A 208 3.42 -14.85 9.18
C PRO A 208 2.21 -15.02 8.29
N CYS A 209 2.42 -15.68 7.16
CA CYS A 209 1.34 -16.08 6.28
C CYS A 209 1.64 -17.46 5.69
N LEU A 210 0.60 -18.10 5.18
CA LEU A 210 0.71 -19.49 4.73
C LEU A 210 1.17 -19.60 3.27
N LEU A 211 0.91 -18.59 2.45
CA LEU A 211 1.30 -18.61 1.04
C LEU A 211 1.65 -17.20 0.61
N PRO A 212 2.70 -17.01 -0.19
CA PRO A 212 2.93 -15.70 -0.81
C PRO A 212 1.76 -15.34 -1.72
N GLN A 213 1.48 -14.03 -1.79
CA GLN A 213 0.36 -13.58 -2.61
C GLN A 213 0.53 -13.98 -4.06
N GLU A 214 1.76 -14.02 -4.57
CA GLU A 214 1.97 -14.41 -5.96
C GLU A 214 1.68 -15.89 -6.19
N TYR A 215 1.87 -16.72 -5.16
CA TYR A 215 1.41 -18.10 -5.25
C TYR A 215 -0.10 -18.16 -5.43
N ILE A 216 -0.82 -17.29 -4.73
CA ILE A 216 -2.28 -17.34 -4.73
C ILE A 216 -2.84 -16.99 -6.10
N SER A 217 -2.34 -15.90 -6.70
CA SER A 217 -2.83 -15.54 -8.04
C SER A 217 -2.40 -16.58 -9.08
N HIS A 218 -1.25 -17.22 -8.89
CA HIS A 218 -0.86 -18.32 -9.77
C HIS A 218 -1.82 -19.49 -9.65
N LEU A 219 -2.08 -19.94 -8.41
CA LEU A 219 -2.98 -21.07 -8.21
C LEU A 219 -4.39 -20.75 -8.70
N ALA A 220 -4.89 -19.55 -8.40
CA ALA A 220 -6.22 -19.16 -8.86
C ALA A 220 -6.30 -19.16 -10.38
N SER A 221 -5.19 -18.86 -11.05
CA SER A 221 -5.21 -18.84 -12.51
C SER A 221 -5.03 -20.24 -13.10
N GLU A 222 -4.12 -21.02 -12.53
CA GLU A 222 -3.84 -22.35 -13.08
C GLU A 222 -5.04 -23.28 -12.89
N GLN A 223 -5.61 -23.32 -11.68
CA GLN A 223 -6.71 -24.21 -11.34
C GLN A 223 -6.38 -25.65 -11.69
N ALA A 224 -5.18 -26.08 -11.34
CA ALA A 224 -4.75 -27.43 -11.66
C ALA A 224 -5.47 -28.42 -10.74
N PRO A 225 -6.08 -29.46 -11.28
CA PRO A 225 -6.69 -30.49 -10.42
C PRO A 225 -5.68 -31.08 -9.45
N THR A 226 -6.06 -31.15 -8.19
CA THR A 226 -5.20 -31.70 -7.14
C THR A 226 -5.26 -33.22 -7.23
N VAL A 227 -4.30 -33.79 -7.94
CA VAL A 227 -4.35 -35.22 -8.26
C VAL A 227 -4.04 -36.07 -7.04
N GLY A 228 -3.12 -35.61 -6.19
CA GLY A 228 -2.65 -36.39 -5.07
C GLY A 228 -3.08 -35.82 -3.73
N GLU A 229 -2.79 -36.58 -2.68
CA GLU A 229 -3.09 -36.15 -1.32
C GLU A 229 -2.11 -35.10 -0.83
N ALA A 230 -0.93 -34.99 -1.44
CA ALA A 230 0.05 -34.00 -1.06
C ALA A 230 1.02 -33.81 -2.21
N ALA A 231 1.53 -32.59 -2.34
CA ALA A 231 2.49 -32.25 -3.38
C ALA A 231 3.88 -32.17 -2.78
N LEU A 232 4.78 -33.06 -3.21
CA LEU A 232 6.15 -33.03 -2.74
C LEU A 232 6.90 -31.93 -3.46
N LEU A 233 7.51 -31.03 -2.68
CA LEU A 233 8.24 -29.88 -3.22
C LEU A 233 9.72 -29.98 -2.87
N HIS A 234 10.55 -29.35 -3.70
CA HIS A 234 11.94 -29.09 -3.38
C HIS A 234 12.14 -27.58 -3.30
N TYR A 235 12.85 -27.15 -2.27
CA TYR A 235 13.29 -25.76 -2.17
C TYR A 235 14.68 -25.68 -2.79
N VAL A 236 14.78 -25.01 -3.94
CA VAL A 236 15.95 -25.11 -4.80
C VAL A 236 16.64 -23.74 -4.89
N ASP A 237 17.96 -23.76 -4.77
CA ASP A 237 18.77 -22.59 -5.06
C ASP A 237 18.83 -22.40 -6.58
N PRO A 238 18.31 -21.28 -7.12
CA PRO A 238 18.26 -21.14 -8.58
C PRO A 238 19.61 -20.96 -9.23
N ASP A 239 20.64 -20.57 -8.47
CA ASP A 239 21.95 -20.35 -9.08
C ASP A 239 22.71 -21.65 -9.27
N THR A 240 22.57 -22.59 -8.33
CA THR A 240 23.24 -23.88 -8.42
C THR A 240 22.31 -25.02 -8.79
N GLY A 241 21.01 -24.89 -8.54
CA GLY A 241 20.10 -25.98 -8.78
C GLY A 241 20.04 -27.00 -7.66
N ARG A 242 20.77 -26.78 -6.57
CA ARG A 242 20.86 -27.75 -5.50
C ARG A 242 19.58 -27.75 -4.66
N ASN A 243 19.17 -28.93 -4.24
CA ASN A 243 17.98 -29.10 -3.42
C ASN A 243 18.33 -28.77 -1.98
N LEU A 244 17.73 -27.71 -1.44
CA LEU A 244 18.01 -27.29 -0.08
C LEU A 244 17.09 -27.93 0.95
N GLY A 245 16.05 -28.65 0.53
CA GLY A 245 15.17 -29.33 1.45
C GLY A 245 13.84 -29.75 0.85
N GLU A 246 13.27 -30.86 1.34
CA GLU A 246 11.97 -31.31 0.88
C GLU A 246 10.85 -30.70 1.70
N PHE A 247 9.74 -30.41 1.03
CA PHE A 247 8.54 -29.86 1.65
C PHE A 247 7.33 -30.57 1.08
N LYS A 248 6.22 -30.50 1.80
CA LYS A 248 4.93 -30.97 1.31
C LYS A 248 3.94 -29.83 1.33
N ALA A 249 3.23 -29.64 0.21
CA ALA A 249 2.10 -28.73 0.14
C ALA A 249 0.82 -29.53 0.21
N TYR A 250 -0.07 -29.14 1.08
CA TYR A 250 -1.30 -29.90 1.24
C TYR A 250 -2.44 -29.22 0.49
N PRO A 251 -3.44 -30.00 0.04
CA PRO A 251 -4.50 -29.42 -0.80
C PRO A 251 -5.17 -28.17 -0.25
N ASP A 252 -5.31 -28.05 1.08
CA ASP A 252 -5.98 -26.87 1.64
C ASP A 252 -5.18 -25.60 1.45
N GLY A 253 -3.91 -25.69 1.07
CA GLY A 253 -3.15 -24.51 0.73
C GLY A 253 -2.12 -24.10 1.76
N PHE A 254 -1.37 -25.07 2.28
CA PHE A 254 -0.30 -24.77 3.22
C PHE A 254 0.83 -25.75 2.99
N LEU A 255 2.03 -25.34 3.41
CA LEU A 255 3.22 -26.15 3.27
C LEU A 255 3.70 -26.61 4.64
N THR A 256 4.38 -27.76 4.65
CA THR A 256 4.97 -28.31 5.86
C THR A 256 6.37 -28.78 5.55
N CYS A 257 7.09 -29.09 6.62
CA CYS A 257 8.42 -29.68 6.53
C CYS A 257 8.73 -30.32 7.86
N VAL A 258 9.74 -31.20 7.85
CA VAL A 258 10.30 -31.75 9.09
C VAL A 258 11.58 -30.97 9.36
N PRO A 259 11.61 -30.11 10.37
CA PRO A 259 12.75 -29.19 10.51
C PRO A 259 13.97 -29.83 11.13
N ASN A 260 13.76 -30.70 12.12
CA ASN A 260 14.83 -31.19 12.98
C ASN A 260 15.59 -30.03 13.63
N GLY A 261 14.82 -29.08 14.16
CA GLY A 261 15.41 -27.93 14.83
C GLY A 261 14.86 -26.56 14.46
N ALA A 262 14.66 -25.71 15.46
CA ALA A 262 14.29 -24.32 15.24
C ALA A 262 15.51 -23.41 15.13
N SER A 263 16.66 -23.86 15.62
CA SER A 263 17.94 -23.19 15.41
C SER A 263 18.70 -23.77 14.23
N SER A 264 18.21 -24.87 13.65
CA SER A 264 18.82 -25.50 12.47
C SER A 264 17.67 -26.15 11.68
N GLY A 265 17.09 -25.39 10.77
CA GLY A 265 15.98 -25.87 9.98
C GLY A 265 15.56 -24.89 8.90
N PRO A 266 14.26 -24.85 8.61
CA PRO A 266 13.79 -23.97 7.52
C PRO A 266 14.02 -22.50 7.78
N GLN A 267 13.97 -22.09 9.05
CA GLN A 267 14.18 -20.67 9.38
C GLN A 267 15.57 -20.21 8.98
N GLN A 268 16.54 -21.12 8.94
CA GLN A 268 17.90 -20.78 8.55
C GLN A 268 18.13 -20.88 7.05
N LEU A 269 17.14 -21.36 6.29
CA LEU A 269 17.29 -21.41 4.84
C LEU A 269 17.36 -20.00 4.27
N PRO A 270 18.10 -19.81 3.18
CA PRO A 270 18.07 -18.53 2.48
C PRO A 270 16.73 -18.32 1.79
N ILE A 271 16.40 -17.05 1.56
CA ILE A 271 15.13 -16.68 0.93
C ILE A 271 15.26 -16.49 -0.57
N ASN A 272 16.43 -16.72 -1.15
CA ASN A 272 16.60 -16.58 -2.58
C ASN A 272 16.26 -17.85 -3.33
N GLY A 273 15.55 -18.78 -2.69
CA GLY A 273 15.24 -20.07 -3.29
C GLY A 273 13.87 -20.12 -3.93
N VAL A 274 13.62 -21.22 -4.62
CA VAL A 274 12.40 -21.43 -5.40
C VAL A 274 11.80 -22.77 -4.99
N PHE A 275 10.49 -22.78 -4.74
CA PHE A 275 9.78 -24.02 -4.51
C PHE A 275 9.39 -24.63 -5.86
N VAL A 276 9.80 -25.88 -6.08
CA VAL A 276 9.56 -26.59 -7.33
C VAL A 276 8.76 -27.84 -7.03
N PHE A 277 7.66 -28.02 -7.76
CA PHE A 277 6.86 -29.24 -7.63
C PHE A 277 7.65 -30.42 -8.17
N VAL A 278 7.69 -31.51 -7.40
CA VAL A 278 8.37 -32.73 -7.81
C VAL A 278 7.38 -33.81 -8.24
N SER A 279 6.43 -34.14 -7.38
CA SER A 279 5.42 -35.14 -7.70
C SER A 279 4.33 -35.13 -6.63
N TRP A 280 3.20 -35.73 -6.98
CA TRP A 280 2.14 -36.01 -6.01
C TRP A 280 2.53 -37.20 -5.17
N VAL A 281 2.36 -37.09 -3.84
CA VAL A 281 2.70 -38.16 -2.93
C VAL A 281 1.50 -38.42 -2.01
N SER A 282 1.59 -39.52 -1.28
CA SER A 282 0.65 -39.81 -0.22
C SER A 282 0.83 -38.82 0.93
N ARG A 283 -0.27 -38.54 1.64
CA ARG A 283 -0.15 -37.70 2.83
C ARG A 283 0.73 -38.34 3.89
N PHE A 284 1.02 -39.64 3.76
CA PHE A 284 1.87 -40.35 4.70
C PHE A 284 3.33 -40.36 4.26
N TYR A 285 3.67 -39.72 3.15
CA TYR A 285 5.05 -39.62 2.72
C TYR A 285 5.92 -39.00 3.80
N GLN A 286 7.01 -39.68 4.15
CA GLN A 286 7.89 -39.24 5.21
C GLN A 286 9.01 -38.39 4.62
N LEU A 287 9.07 -37.13 5.04
CA LEU A 287 10.04 -36.19 4.49
C LEU A 287 11.40 -36.37 5.15
N LYS A 288 12.45 -36.05 4.39
CA LYS A 288 13.77 -35.95 5.00
C LYS A 288 13.88 -34.62 5.75
N PRO A 289 14.47 -34.62 6.93
CA PRO A 289 14.56 -33.38 7.71
C PRO A 289 15.36 -32.31 6.97
N VAL A 290 14.93 -31.06 7.11
CA VAL A 290 15.56 -29.95 6.41
C VAL A 290 16.95 -29.68 6.96
N GLY A 291 17.04 -29.43 8.27
CA GLY A 291 18.28 -29.11 8.93
C GLY A 291 18.81 -30.23 9.80
N THR A 292 19.86 -29.91 10.54
CA THR A 292 20.51 -30.87 11.42
C THR A 292 20.34 -30.49 12.88
N ARG B 3 8.03 -24.10 -23.76
CA ARG B 3 6.85 -23.74 -23.00
C ARG B 3 5.90 -22.86 -23.82
N PRO B 4 4.66 -23.29 -23.99
CA PRO B 4 3.68 -22.47 -24.72
C PRO B 4 3.37 -21.19 -23.97
N PHE B 5 3.27 -20.09 -24.71
CA PHE B 5 3.01 -18.80 -24.12
C PHE B 5 1.59 -18.73 -23.54
N THR B 6 1.46 -18.14 -22.37
CA THR B 6 0.17 -17.99 -21.70
C THR B 6 0.10 -16.64 -21.01
N LEU B 7 -1.12 -16.19 -20.75
CA LEU B 7 -1.41 -15.06 -19.90
C LEU B 7 -2.26 -15.55 -18.74
N PRO B 8 -2.26 -14.86 -17.59
CA PRO B 8 -3.04 -15.34 -16.45
C PRO B 8 -4.52 -15.46 -16.81
N ASN B 9 -5.13 -16.54 -16.36
CA ASN B 9 -6.56 -16.76 -16.57
C ASN B 9 -7.32 -16.14 -15.40
N LEU B 10 -7.27 -14.80 -15.36
CA LEU B 10 -7.90 -14.03 -14.30
C LEU B 10 -8.52 -12.78 -14.90
N PRO B 11 -9.71 -12.39 -14.41
CA PRO B 11 -10.36 -11.18 -14.94
C PRO B 11 -9.61 -9.91 -14.53
N LEU B 12 -9.58 -8.94 -15.45
CA LEU B 12 -8.86 -7.69 -15.22
C LEU B 12 -9.31 -7.01 -13.93
N SER B 13 -10.60 -7.07 -13.63
CA SER B 13 -11.15 -6.39 -12.46
C SER B 13 -10.56 -6.91 -11.15
N SER B 14 -9.93 -8.08 -11.16
CA SER B 14 -9.30 -8.64 -9.97
C SER B 14 -7.80 -8.42 -9.94
N LEU B 15 -7.25 -7.69 -10.92
CA LEU B 15 -5.83 -7.48 -11.07
C LEU B 15 -5.45 -6.07 -10.63
N SER B 16 -4.15 -5.81 -10.60
CA SER B 16 -3.62 -4.57 -10.04
C SER B 16 -2.88 -3.75 -11.09
N ASN B 17 -2.91 -2.43 -10.91
CA ASN B 17 -2.00 -1.55 -11.62
C ASN B 17 -0.55 -1.93 -11.31
N SER B 18 0.35 -1.58 -12.23
CA SER B 18 1.76 -1.86 -12.05
C SER B 18 2.59 -0.61 -11.77
N ARG B 19 1.97 0.57 -11.69
CA ARG B 19 2.66 1.79 -11.31
C ARG B 19 2.26 2.30 -9.94
N ALA B 20 1.29 1.66 -9.29
CA ALA B 20 0.88 1.93 -7.92
C ALA B 20 0.02 0.77 -7.43
N PRO B 21 -0.04 0.49 -6.12
CA PRO B 21 -0.84 -0.66 -5.66
C PRO B 21 -2.33 -0.38 -5.66
N LEU B 22 -2.91 -0.33 -6.86
CA LEU B 22 -4.31 0.02 -7.04
C LEU B 22 -5.02 -1.01 -7.91
N PRO B 23 -6.26 -1.32 -7.61
CA PRO B 23 -7.02 -2.26 -8.46
C PRO B 23 -7.28 -1.65 -9.83
N ILE B 24 -7.34 -2.53 -10.84
CA ILE B 24 -7.67 -2.10 -12.19
C ILE B 24 -9.16 -1.78 -12.26
N SER B 25 -9.51 -0.62 -12.79
CA SER B 25 -10.91 -0.25 -12.91
C SER B 25 -11.41 -0.04 -14.33
N SER B 26 -10.53 0.10 -15.32
CA SER B 26 -11.00 0.23 -16.70
C SER B 26 -9.86 -0.05 -17.67
N ILE B 27 -10.23 -0.27 -18.93
CA ILE B 27 -9.31 -0.27 -20.06
C ILE B 27 -9.36 1.12 -20.69
N GLY B 28 -8.20 1.64 -21.07
CA GLY B 28 -8.14 2.97 -21.62
C GLY B 28 -7.20 3.06 -22.80
N ILE B 29 -7.34 4.16 -23.54
CA ILE B 29 -6.39 4.56 -24.57
C ILE B 29 -5.95 5.97 -24.24
N SER B 30 -4.81 6.37 -24.79
CA SER B 30 -4.25 7.67 -24.47
C SER B 30 -4.92 8.77 -25.27
N PRO B 31 -4.90 10.00 -24.77
CA PRO B 31 -5.32 11.13 -25.60
C PRO B 31 -4.52 11.20 -26.88
N ASP B 32 -5.07 11.90 -27.87
CA ASP B 32 -4.45 11.92 -29.18
C ASP B 32 -3.09 12.61 -29.16
N ASN B 33 -2.89 13.59 -28.28
CA ASN B 33 -1.60 14.26 -28.19
C ASN B 33 -0.58 13.48 -27.37
N VAL B 34 -0.88 12.24 -27.00
CA VAL B 34 0.07 11.34 -26.35
C VAL B 34 0.39 10.24 -27.35
N GLN B 35 1.57 10.30 -27.98
CA GLN B 35 1.95 9.41 -29.05
C GLN B 35 3.13 8.51 -28.70
N SER B 36 3.50 8.45 -27.42
CA SER B 36 4.47 7.48 -26.90
C SER B 36 4.56 7.64 -25.39
N VAL B 37 4.92 6.58 -24.68
CA VAL B 37 5.09 6.62 -23.24
C VAL B 37 6.42 5.96 -22.89
N GLN B 38 6.93 6.27 -21.71
CA GLN B 38 8.21 5.74 -21.25
C GLN B 38 8.13 5.33 -19.79
N PHE B 39 7.01 4.72 -19.39
CA PHE B 39 6.87 4.23 -18.02
C PHE B 39 8.05 3.34 -17.66
N GLN B 40 8.54 3.50 -16.43
CA GLN B 40 9.64 2.69 -15.94
C GLN B 40 9.19 1.53 -15.06
N ASN B 41 7.99 1.62 -14.50
CA ASN B 41 7.34 0.50 -13.84
C ASN B 41 6.30 -0.11 -14.76
N GLY B 42 5.93 -1.35 -14.48
CA GLY B 42 5.03 -2.06 -15.36
C GLY B 42 5.64 -2.42 -16.69
N ARG B 43 6.93 -2.72 -16.72
CA ARG B 43 7.66 -3.01 -17.95
C ARG B 43 8.21 -4.42 -17.87
N CYS B 44 7.67 -5.31 -18.69
CA CYS B 44 8.14 -6.69 -18.75
C CYS B 44 7.98 -7.17 -20.18
N THR B 45 8.99 -7.86 -20.70
CA THR B 45 8.85 -8.43 -22.03
C THR B 45 8.04 -9.72 -21.95
N LEU B 46 7.61 -10.21 -23.11
CA LEU B 46 6.78 -11.41 -23.15
C LEU B 46 7.53 -12.67 -22.76
N ASP B 47 8.85 -12.70 -22.85
CA ASP B 47 9.61 -13.84 -22.34
C ASP B 47 10.10 -13.63 -20.92
N GLY B 48 9.54 -12.64 -20.22
CA GLY B 48 9.74 -12.52 -18.79
C GLY B 48 10.96 -11.75 -18.34
N ARG B 49 11.44 -10.79 -19.12
CA ARG B 49 12.56 -9.96 -18.71
C ARG B 49 12.03 -8.64 -18.15
N LEU B 50 12.32 -8.39 -16.88
CA LEU B 50 11.92 -7.15 -16.25
C LEU B 50 12.73 -6.00 -16.83
N VAL B 51 12.06 -4.86 -17.05
CA VAL B 51 12.65 -3.71 -17.70
C VAL B 51 12.44 -2.49 -16.83
N GLY B 52 13.39 -1.55 -16.89
CA GLY B 52 13.25 -0.32 -16.13
C GLY B 52 13.45 -0.59 -14.64
N THR B 53 12.57 -0.03 -13.83
CA THR B 53 12.57 -0.26 -12.39
C THR B 53 11.49 -1.25 -11.97
N THR B 54 10.99 -2.04 -12.91
CA THR B 54 9.88 -2.93 -12.63
C THR B 54 10.26 -4.04 -11.66
N PRO B 55 9.51 -4.24 -10.58
CA PRO B 55 9.71 -5.40 -9.72
C PRO B 55 8.80 -6.55 -10.11
N VAL B 56 9.06 -7.71 -9.50
CA VAL B 56 8.20 -8.87 -9.71
C VAL B 56 6.88 -8.70 -8.99
N SER B 57 6.90 -8.16 -7.79
CA SER B 57 5.76 -8.20 -6.87
C SER B 57 5.20 -6.80 -6.62
N LEU B 58 3.88 -6.74 -6.42
CA LEU B 58 3.24 -5.47 -6.10
C LEU B 58 3.76 -4.87 -4.80
N SER B 59 4.28 -5.70 -3.89
CA SER B 59 4.78 -5.19 -2.62
C SER B 59 6.01 -4.32 -2.77
N HIS B 60 6.55 -4.19 -3.98
CA HIS B 60 7.67 -3.30 -4.25
C HIS B 60 7.27 -2.10 -5.10
N VAL B 61 6.01 -1.98 -5.47
CA VAL B 61 5.59 -1.05 -6.52
C VAL B 61 5.27 0.30 -5.90
N ALA B 62 5.87 1.36 -6.47
CA ALA B 62 5.67 2.74 -6.03
C ALA B 62 6.07 2.90 -4.57
N LYS B 63 7.21 2.32 -4.20
CA LYS B 63 7.72 2.36 -2.84
C LYS B 63 9.12 2.94 -2.85
N ILE B 64 9.52 3.52 -1.71
CA ILE B 64 10.86 4.01 -1.53
C ILE B 64 11.40 3.52 -0.20
N ARG B 65 12.72 3.42 -0.12
CA ARG B 65 13.42 3.13 1.11
C ARG B 65 14.69 3.94 1.14
N GLY B 66 15.00 4.52 2.29
CA GLY B 66 16.21 5.30 2.40
C GLY B 66 16.35 5.87 3.78
N THR B 67 17.50 6.49 4.00
CA THR B 67 17.86 7.05 5.29
C THR B 67 17.89 8.58 5.14
N SER B 68 17.08 9.26 5.94
CA SER B 68 17.09 10.71 5.97
C SER B 68 18.12 11.19 6.96
N ASN B 69 18.79 12.30 6.63
CA ASN B 69 19.64 13.01 7.58
C ASN B 69 19.08 14.38 7.91
N GLY B 70 17.79 14.62 7.61
CA GLY B 70 17.18 15.91 7.76
C GLY B 70 17.24 16.77 6.51
N THR B 71 18.27 16.58 5.69
CA THR B 71 18.46 17.35 4.45
C THR B 71 18.04 16.55 3.22
N VAL B 72 18.63 15.37 3.03
CA VAL B 72 18.31 14.50 1.91
C VAL B 72 17.92 13.13 2.46
N ILE B 73 17.19 12.39 1.64
CA ILE B 73 16.96 10.98 1.87
C ILE B 73 17.87 10.22 0.91
N ASN B 74 18.83 9.48 1.44
CA ASN B 74 19.72 8.67 0.63
C ASN B 74 19.08 7.30 0.42
N LEU B 75 18.72 7.02 -0.81
CA LEU B 75 17.91 5.86 -1.15
C LEU B 75 18.73 4.58 -1.12
N THR B 76 18.05 3.49 -0.78
CA THR B 76 18.54 2.13 -0.95
C THR B 76 17.47 1.37 -1.72
N GLU B 77 17.75 0.10 -2.02
CA GLU B 77 16.68 -0.76 -2.50
C GLU B 77 15.80 -1.13 -1.31
N LEU B 78 14.59 -1.63 -1.61
CA LEU B 78 13.58 -1.78 -0.56
C LEU B 78 14.02 -2.76 0.53
N ASP B 79 14.91 -3.70 0.19
CA ASP B 79 15.41 -4.63 1.19
C ASP B 79 16.57 -4.07 1.99
N GLY B 80 16.95 -2.80 1.78
CA GLY B 80 18.06 -2.23 2.51
C GLY B 80 19.41 -2.37 1.83
N THR B 81 19.48 -3.14 0.75
CA THR B 81 20.70 -3.26 -0.04
C THR B 81 21.04 -1.90 -0.68
N PRO B 82 22.33 -1.59 -0.84
CA PRO B 82 22.70 -0.32 -1.47
C PRO B 82 22.17 -0.25 -2.89
N PHE B 83 21.79 0.95 -3.31
CA PHE B 83 21.40 1.20 -4.69
C PHE B 83 22.64 1.53 -5.50
N HIS B 84 22.79 0.87 -6.64
CA HIS B 84 23.96 1.08 -7.47
C HIS B 84 23.62 2.07 -8.57
N PRO B 85 24.15 3.29 -8.55
CA PRO B 85 23.83 4.25 -9.61
C PRO B 85 24.40 3.80 -10.95
N PHE B 86 23.80 4.32 -12.02
CA PHE B 86 24.24 4.03 -13.39
C PHE B 86 24.04 2.55 -13.72
N GLU B 87 23.08 1.91 -13.03
CA GLU B 87 22.53 0.62 -13.43
C GLU B 87 21.05 0.71 -13.71
N GLY B 88 20.43 1.86 -13.45
CA GLY B 88 19.03 2.10 -13.70
C GLY B 88 18.70 3.53 -13.30
N PRO B 89 17.48 3.99 -13.62
CA PRO B 89 17.13 5.38 -13.31
C PRO B 89 16.84 5.61 -11.84
N ALA B 90 16.61 4.56 -11.06
CA ALA B 90 16.22 4.66 -9.66
C ALA B 90 16.23 3.27 -9.03
N PRO B 91 16.09 3.13 -7.72
CA PRO B 91 15.94 1.78 -7.15
C PRO B 91 14.71 1.08 -7.72
N ILE B 92 14.73 -0.24 -7.64
CA ILE B 92 13.60 -1.03 -8.12
C ILE B 92 12.34 -0.60 -7.38
N GLY B 93 11.25 -0.41 -8.14
CA GLY B 93 9.98 -0.06 -7.55
C GLY B 93 9.76 1.43 -7.31
N PHE B 94 10.78 2.26 -7.48
CA PHE B 94 10.66 3.69 -7.26
C PHE B 94 9.52 4.25 -8.12
N PRO B 95 8.70 5.15 -7.59
CA PRO B 95 7.56 5.66 -8.36
C PRO B 95 8.01 6.34 -9.65
N ASP B 96 7.19 6.20 -10.69
CA ASP B 96 7.49 6.76 -12.00
C ASP B 96 6.36 7.66 -12.49
N LEU B 97 5.57 8.22 -11.59
CA LEU B 97 4.45 9.07 -11.96
C LEU B 97 4.96 10.49 -12.16
N GLY B 98 5.14 10.88 -13.42
CA GLY B 98 5.38 12.27 -13.73
C GLY B 98 4.11 13.10 -13.65
N GLY B 99 4.27 14.40 -13.82
CA GLY B 99 3.12 15.28 -13.93
C GLY B 99 2.25 15.38 -12.70
N CYS B 100 2.83 15.21 -11.52
CA CYS B 100 2.08 15.38 -10.28
C CYS B 100 3.07 15.54 -9.13
N ASP B 101 2.54 16.00 -7.99
CA ASP B 101 3.27 15.88 -6.74
C ASP B 101 2.91 14.56 -6.07
N TRP B 102 3.87 13.95 -5.41
CA TRP B 102 3.67 12.68 -4.73
C TRP B 102 3.46 12.92 -3.24
N HIS B 103 2.66 12.06 -2.64
CA HIS B 103 2.50 12.04 -1.19
C HIS B 103 2.71 10.60 -0.73
N ILE B 104 3.84 10.37 -0.09
CA ILE B 104 4.33 9.04 0.23
C ILE B 104 4.16 8.83 1.74
N ASN B 105 3.49 7.74 2.11
CA ASN B 105 3.29 7.44 3.53
C ASN B 105 4.52 6.71 4.06
N MET B 106 5.26 7.37 4.94
CA MET B 106 6.51 6.85 5.49
C MET B 106 6.27 6.21 6.84
N THR B 107 6.76 4.98 7.00
CA THR B 107 6.74 4.26 8.26
C THR B 107 8.16 3.79 8.56
N GLN B 108 8.38 3.27 9.77
CA GLN B 108 9.69 2.79 10.17
C GLN B 108 9.57 1.48 10.91
N PHE B 109 10.56 0.62 10.72
CA PHE B 109 10.67 -0.61 11.51
C PHE B 109 11.21 -0.26 12.89
N GLY B 110 10.46 -0.65 13.93
CA GLY B 110 10.86 -0.39 15.29
C GLY B 110 10.42 0.92 15.88
N HIS B 111 9.58 1.70 15.18
CA HIS B 111 9.05 2.94 15.71
C HIS B 111 7.57 3.05 15.37
N SER B 112 6.87 3.86 16.17
CA SER B 112 5.48 4.17 15.92
C SER B 112 5.36 5.21 14.81
N SER B 113 4.11 5.44 14.39
CA SER B 113 3.68 6.61 13.63
C SER B 113 3.98 6.51 12.14
N GLN B 114 3.25 7.28 11.35
CA GLN B 114 3.47 7.48 9.92
C GLN B 114 3.62 8.97 9.65
N THR B 115 4.28 9.28 8.53
CA THR B 115 4.51 10.66 8.13
C THR B 115 4.22 10.83 6.65
N GLN B 116 3.48 11.89 6.31
CA GLN B 116 3.26 12.23 4.92
C GLN B 116 4.48 12.94 4.36
N TYR B 117 5.09 12.34 3.34
CA TYR B 117 6.26 12.89 2.67
C TYR B 117 5.81 13.45 1.33
N ASP B 118 5.98 14.76 1.15
CA ASP B 118 5.52 15.47 -0.04
C ASP B 118 6.68 15.65 -1.01
N VAL B 119 6.54 15.12 -2.23
CA VAL B 119 7.62 15.07 -3.20
C VAL B 119 7.26 15.92 -4.40
N ASP B 120 7.99 17.03 -4.57
CA ASP B 120 8.09 17.71 -5.85
C ASP B 120 9.19 17.05 -6.67
N THR B 121 8.86 16.64 -7.89
CA THR B 121 9.83 15.94 -8.73
C THR B 121 10.62 16.87 -9.66
N THR B 122 10.41 18.18 -9.57
CA THR B 122 11.11 19.13 -10.45
C THR B 122 12.38 19.77 -9.89
N PRO B 123 12.58 19.91 -8.57
CA PRO B 123 13.75 20.66 -8.10
C PRO B 123 15.04 19.90 -8.38
N ASP B 124 16.15 20.66 -8.41
CA ASP B 124 17.44 20.07 -8.71
C ASP B 124 17.93 19.11 -7.63
N THR B 125 17.28 19.11 -6.45
CA THR B 125 17.60 18.16 -5.40
C THR B 125 16.99 16.79 -5.63
N PHE B 126 16.07 16.67 -6.58
CA PHE B 126 15.44 15.39 -6.92
C PHE B 126 16.37 14.65 -7.87
N VAL B 127 17.27 13.85 -7.31
CA VAL B 127 18.20 13.08 -8.14
C VAL B 127 18.13 11.61 -7.75
N PRO B 128 17.00 10.94 -7.93
CA PRO B 128 16.93 9.52 -7.57
C PRO B 128 17.94 8.66 -8.32
N HIS B 129 18.32 9.07 -9.53
CA HIS B 129 19.27 8.28 -10.30
C HIS B 129 20.65 8.27 -9.67
N LEU B 130 20.95 9.23 -8.80
CA LEU B 130 22.17 9.21 -8.00
C LEU B 130 21.90 8.82 -6.55
N GLY B 131 20.67 8.40 -6.24
CA GLY B 131 20.36 7.87 -4.92
C GLY B 131 20.01 8.89 -3.86
N SER B 132 19.54 10.07 -4.25
CA SER B 132 19.33 11.14 -3.28
C SER B 132 18.14 11.98 -3.71
N ILE B 133 17.25 12.28 -2.76
CA ILE B 133 16.13 13.19 -3.00
C ILE B 133 15.96 14.06 -1.75
N GLN B 134 15.32 15.21 -1.93
CA GLN B 134 15.17 16.15 -0.83
C GLN B 134 14.31 15.55 0.28
N ALA B 135 14.73 15.78 1.53
CA ALA B 135 14.00 15.24 2.66
C ALA B 135 12.71 16.00 2.90
N ASN B 136 12.68 17.29 2.54
CA ASN B 136 11.51 18.15 2.66
C ASN B 136 10.84 17.99 4.03
N GLY B 137 11.66 18.07 5.09
CA GLY B 137 11.17 18.05 6.45
C GLY B 137 11.11 16.70 7.12
N ILE B 138 11.34 15.61 6.39
CA ILE B 138 11.37 14.28 7.01
C ILE B 138 12.60 14.19 7.91
N GLY B 139 12.37 13.96 9.20
CA GLY B 139 13.47 13.89 10.14
C GLY B 139 14.34 12.67 9.94
N SER B 140 15.54 12.74 10.53
CA SER B 140 16.53 11.68 10.35
C SER B 140 15.98 10.32 10.78
N GLY B 141 16.31 9.30 10.00
CA GLY B 141 15.88 7.94 10.28
C GLY B 141 15.83 7.13 9.01
N ASN B 142 15.61 5.83 9.19
CA ASN B 142 15.39 4.92 8.08
C ASN B 142 13.88 4.72 7.90
N TYR B 143 13.41 4.87 6.67
CA TYR B 143 11.98 4.79 6.39
C TYR B 143 11.73 3.85 5.22
N VAL B 144 10.52 3.33 5.18
CA VAL B 144 9.93 2.76 3.97
C VAL B 144 8.67 3.56 3.69
N GLY B 145 8.51 3.97 2.44
CA GLY B 145 7.36 4.76 2.05
C GLY B 145 6.67 4.13 0.87
N VAL B 146 5.36 4.30 0.83
CA VAL B 146 4.55 3.83 -0.29
C VAL B 146 3.72 5.01 -0.77
N LEU B 147 3.57 5.13 -2.09
CA LEU B 147 2.77 6.20 -2.65
C LEU B 147 1.33 6.06 -2.18
N SER B 148 0.78 7.16 -1.65
CA SER B 148 -0.54 7.16 -1.03
C SER B 148 -1.58 7.94 -1.82
N TRP B 149 -1.25 9.15 -2.26
CA TRP B 149 -2.13 9.96 -3.07
C TRP B 149 -1.28 10.98 -3.82
N ILE B 150 -1.91 11.65 -4.80
CA ILE B 150 -1.22 12.63 -5.63
C ILE B 150 -2.07 13.89 -5.71
N SER B 151 -1.44 14.95 -6.21
CA SER B 151 -2.06 16.27 -6.31
C SER B 151 -1.39 16.99 -7.47
N PRO B 152 -1.98 18.10 -7.94
CA PRO B 152 -1.40 18.83 -9.07
C PRO B 152 0.06 19.18 -8.81
N PRO B 153 0.89 19.18 -9.86
CA PRO B 153 2.32 19.46 -9.67
C PRO B 153 2.54 20.86 -9.13
N SER B 154 3.53 20.98 -8.24
CA SER B 154 3.84 22.30 -7.68
C SER B 154 4.47 23.21 -8.73
N HIS B 155 5.22 22.65 -9.68
CA HIS B 155 5.86 23.40 -10.74
C HIS B 155 5.79 22.59 -12.03
N PRO B 156 5.51 23.24 -13.18
CA PRO B 156 5.16 24.66 -13.30
C PRO B 156 3.84 24.97 -12.62
N SER B 157 3.73 26.15 -12.00
CA SER B 157 2.54 26.47 -11.23
C SER B 157 1.31 26.46 -12.13
N GLY B 158 0.25 25.79 -11.66
CA GLY B 158 -0.98 25.70 -12.41
C GLY B 158 -1.05 24.59 -13.43
N SER B 159 -0.01 23.77 -13.57
CA SER B 159 -0.05 22.65 -14.49
C SER B 159 -1.12 21.63 -14.06
N GLN B 160 -1.79 21.05 -15.05
CA GLN B 160 -2.70 19.94 -14.78
C GLN B 160 -1.90 18.67 -14.49
N VAL B 161 -2.54 17.74 -13.78
CA VAL B 161 -1.96 16.43 -13.58
C VAL B 161 -1.86 15.70 -14.92
N ASP B 162 -0.71 15.06 -15.16
CA ASP B 162 -0.44 14.38 -16.43
C ASP B 162 0.31 13.09 -16.12
N LEU B 163 -0.43 12.02 -15.88
CA LEU B 163 0.15 10.73 -15.52
C LEU B 163 0.67 9.96 -16.71
N TRP B 164 0.62 10.51 -17.92
CA TRP B 164 1.26 9.89 -19.06
C TRP B 164 2.76 10.10 -19.09
N LYS B 165 3.30 10.88 -18.18
CA LYS B 165 4.72 11.18 -18.14
C LYS B 165 5.40 10.40 -17.03
N ILE B 166 6.73 10.36 -17.11
CA ILE B 166 7.56 9.87 -16.01
C ILE B 166 8.32 11.07 -15.49
N PRO B 167 8.85 11.03 -14.27
CA PRO B 167 9.66 12.16 -13.78
C PRO B 167 11.00 12.19 -14.47
N ASN B 168 11.63 13.37 -14.41
CA ASN B 168 13.04 13.49 -14.73
C ASN B 168 13.81 12.98 -13.52
N TYR B 169 14.55 11.89 -13.71
CA TYR B 169 15.22 11.23 -12.60
C TYR B 169 16.50 11.93 -12.17
N GLY B 170 16.76 13.13 -12.69
CA GLY B 170 17.84 13.94 -12.16
C GLY B 170 19.02 14.09 -13.10
N SER B 171 18.78 14.55 -14.32
CA SER B 171 19.86 14.67 -15.29
C SER B 171 19.56 15.81 -16.25
N SER B 172 20.63 16.27 -16.91
CA SER B 172 20.54 17.24 -18.00
C SER B 172 20.69 16.59 -19.37
N ILE B 173 20.93 15.28 -19.42
CA ILE B 173 20.93 14.49 -20.65
C ILE B 173 20.14 13.21 -20.43
N THR B 174 19.30 12.89 -21.41
CA THR B 174 18.45 11.71 -21.34
C THR B 174 19.25 10.43 -21.11
N GLU B 175 20.31 10.21 -21.87
CA GLU B 175 21.01 8.92 -21.85
C GLU B 175 21.66 8.62 -20.50
N ALA B 176 22.03 9.65 -19.73
CA ALA B 176 22.76 9.44 -18.49
C ALA B 176 21.99 8.61 -17.46
N THR B 177 20.67 8.64 -17.48
CA THR B 177 19.88 7.98 -16.44
C THR B 177 19.49 6.54 -16.76
N HIS B 178 19.88 6.02 -17.92
CA HIS B 178 19.64 4.61 -18.27
C HIS B 178 18.16 4.25 -18.14
N LEU B 179 17.30 5.05 -18.78
CA LEU B 179 15.88 4.77 -18.73
C LEU B 179 15.54 3.56 -19.59
N ALA B 180 14.48 2.86 -19.20
CA ALA B 180 13.86 1.91 -20.11
C ALA B 180 13.40 2.64 -21.37
N PRO B 181 13.49 2.02 -22.55
CA PRO B 181 13.15 2.75 -23.77
C PRO B 181 11.66 3.05 -23.86
N SER B 182 11.35 4.05 -24.69
CA SER B 182 9.97 4.45 -24.91
C SER B 182 9.19 3.37 -25.67
N VAL B 183 7.87 3.40 -25.48
CA VAL B 183 6.95 2.51 -26.19
C VAL B 183 6.11 3.37 -27.14
N TYR B 184 6.07 2.96 -28.40
CA TYR B 184 5.39 3.69 -29.46
C TYR B 184 4.22 2.89 -30.01
N PRO B 185 3.14 3.56 -30.45
CA PRO B 185 2.13 2.87 -31.25
C PRO B 185 2.75 2.35 -32.53
N PRO B 186 2.51 1.09 -32.88
CA PRO B 186 3.21 0.48 -34.02
C PRO B 186 2.73 0.93 -35.39
N GLY B 187 1.60 1.62 -35.48
CA GLY B 187 1.10 2.14 -36.73
C GLY B 187 -0.13 1.38 -37.23
N PHE B 188 -0.56 1.78 -38.43
CA PHE B 188 -1.68 1.17 -39.16
C PHE B 188 -2.96 1.15 -38.31
N GLY B 189 -3.22 2.26 -37.62
CA GLY B 189 -4.44 2.37 -36.84
C GLY B 189 -4.38 1.75 -35.46
N GLU B 190 -3.27 1.09 -35.10
CA GLU B 190 -3.15 0.45 -33.81
C GLU B 190 -2.78 1.49 -32.75
N VAL B 191 -3.48 1.44 -31.62
CA VAL B 191 -3.21 2.32 -30.48
C VAL B 191 -2.79 1.46 -29.32
N LEU B 192 -2.02 2.03 -28.40
CA LEU B 192 -1.62 1.28 -27.23
C LEU B 192 -2.78 1.16 -26.25
N VAL B 193 -2.84 0.02 -25.58
CA VAL B 193 -3.89 -0.28 -24.62
C VAL B 193 -3.33 -0.09 -23.22
N PHE B 194 -4.06 0.61 -22.37
CA PHE B 194 -3.62 0.91 -21.02
C PHE B 194 -4.62 0.38 -20.01
N PHE B 195 -4.11 0.01 -18.84
CA PHE B 195 -4.90 -0.49 -17.74
C PHE B 195 -4.99 0.61 -16.69
N MET B 196 -6.20 1.09 -16.44
CA MET B 196 -6.43 2.29 -15.65
C MET B 196 -6.78 1.95 -14.21
N SER B 197 -6.34 2.81 -13.30
CA SER B 197 -6.68 2.70 -11.90
C SER B 197 -7.02 4.08 -11.36
N LYS B 198 -8.05 4.14 -10.52
CA LYS B 198 -8.39 5.39 -9.85
C LYS B 198 -7.39 5.68 -8.74
N MET B 199 -6.81 6.88 -8.77
CA MET B 199 -5.80 7.24 -7.79
C MET B 199 -6.32 8.34 -6.89
N PRO B 200 -6.26 8.17 -5.57
CA PRO B 200 -6.79 9.20 -4.67
C PRO B 200 -6.02 10.52 -4.79
N GLY B 201 -6.72 11.61 -4.45
CA GLY B 201 -6.20 12.95 -4.57
C GLY B 201 -7.29 13.90 -5.01
N PRO B 202 -7.02 15.21 -4.99
CA PRO B 202 -8.08 16.19 -5.24
C PRO B 202 -8.50 16.30 -6.70
N GLY B 203 -8.71 15.17 -7.36
CA GLY B 203 -9.16 15.17 -8.74
C GLY B 203 -9.58 13.78 -9.16
N ALA B 204 -10.10 13.70 -10.38
CA ALA B 204 -10.53 12.42 -10.96
C ALA B 204 -9.35 11.78 -11.69
N TYR B 205 -8.40 11.30 -10.91
CA TYR B 205 -7.11 10.85 -11.42
C TYR B 205 -7.19 9.39 -11.88
N ASN B 206 -6.75 9.15 -13.11
CA ASN B 206 -6.74 7.81 -13.70
C ASN B 206 -5.30 7.48 -14.07
N LEU B 207 -4.75 6.44 -13.44
CA LEU B 207 -3.36 6.10 -13.63
C LEU B 207 -3.24 5.00 -14.67
N PRO B 208 -2.60 5.26 -15.81
CA PRO B 208 -2.44 4.22 -16.83
C PRO B 208 -1.17 3.41 -16.63
N CYS B 209 -1.25 2.13 -16.99
CA CYS B 209 -0.07 1.28 -17.04
C CYS B 209 -0.20 0.33 -18.22
N LEU B 210 0.94 -0.25 -18.62
CA LEU B 210 0.98 -1.09 -19.81
C LEU B 210 0.62 -2.53 -19.54
N LEU B 211 0.83 -3.03 -18.31
CA LEU B 211 0.53 -4.41 -17.98
C LEU B 211 0.07 -4.47 -16.53
N PRO B 212 -0.94 -5.27 -16.21
CA PRO B 212 -1.25 -5.53 -14.81
C PRO B 212 -0.07 -6.21 -14.13
N GLN B 213 0.11 -5.89 -12.84
CA GLN B 213 1.24 -6.45 -12.10
C GLN B 213 1.22 -7.98 -12.08
N GLU B 214 0.03 -8.58 -12.06
CA GLU B 214 -0.06 -10.04 -12.03
C GLU B 214 0.37 -10.65 -13.36
N TYR B 215 0.21 -9.91 -14.47
CA TYR B 215 0.80 -10.35 -15.73
C TYR B 215 2.32 -10.42 -15.63
N ILE B 216 2.92 -9.44 -14.94
CA ILE B 216 4.38 -9.33 -14.91
C ILE B 216 4.99 -10.48 -14.15
N SER B 217 4.47 -10.79 -12.95
CA SER B 217 5.00 -11.92 -12.22
C SER B 217 4.72 -13.23 -12.92
N HIS B 218 3.60 -13.32 -13.65
CA HIS B 218 3.32 -14.51 -14.46
C HIS B 218 4.35 -14.66 -15.56
N LEU B 219 4.60 -13.59 -16.33
CA LEU B 219 5.57 -13.67 -17.42
C LEU B 219 6.97 -13.94 -16.91
N ALA B 220 7.36 -13.25 -15.83
CA ALA B 220 8.69 -13.47 -15.25
C ALA B 220 8.86 -14.90 -14.77
N SER B 221 7.78 -15.55 -14.36
CA SER B 221 7.88 -16.93 -13.90
C SER B 221 7.82 -17.91 -15.07
N GLU B 222 6.96 -17.66 -16.05
CA GLU B 222 6.84 -18.58 -17.19
C GLU B 222 8.09 -18.55 -18.05
N GLN B 223 8.59 -17.36 -18.38
CA GLN B 223 9.76 -17.20 -19.25
C GLN B 223 9.58 -17.95 -20.56
N ALA B 224 8.41 -17.81 -21.15
CA ALA B 224 8.08 -18.53 -22.37
C ALA B 224 8.83 -17.93 -23.56
N PRO B 225 9.51 -18.76 -24.36
CA PRO B 225 10.17 -18.22 -25.57
C PRO B 225 9.17 -17.52 -26.49
N THR B 226 9.52 -16.29 -26.87
CA THR B 226 8.68 -15.49 -27.77
C THR B 226 8.91 -15.98 -29.19
N VAL B 227 8.04 -16.90 -29.62
CA VAL B 227 8.25 -17.58 -30.89
C VAL B 227 7.92 -16.65 -32.07
N GLY B 228 6.90 -15.80 -31.90
CA GLY B 228 6.41 -14.98 -32.99
C GLY B 228 6.72 -13.50 -32.80
N GLU B 229 6.41 -12.74 -33.85
CA GLU B 229 6.59 -11.30 -33.85
C GLU B 229 5.53 -10.57 -33.04
N ALA B 230 4.37 -11.19 -32.85
CA ALA B 230 3.28 -10.61 -32.07
C ALA B 230 2.35 -11.73 -31.65
N ALA B 231 1.75 -11.56 -30.48
CA ALA B 231 0.82 -12.53 -29.92
C ALA B 231 -0.60 -12.04 -30.12
N LEU B 232 -1.39 -12.78 -30.89
CA LEU B 232 -2.80 -12.45 -31.08
C LEU B 232 -3.58 -12.88 -29.85
N LEU B 233 -4.31 -11.94 -29.25
CA LEU B 233 -5.08 -12.20 -28.05
C LEU B 233 -6.56 -12.01 -28.34
N HIS B 234 -7.37 -12.71 -27.55
CA HIS B 234 -8.81 -12.47 -27.48
C HIS B 234 -9.15 -11.98 -26.08
N TYR B 235 -9.97 -10.94 -25.98
CA TYR B 235 -10.52 -10.50 -24.71
C TYR B 235 -11.86 -11.21 -24.54
N VAL B 236 -11.92 -12.12 -23.57
CA VAL B 236 -13.00 -13.10 -23.48
C VAL B 236 -13.82 -12.82 -22.22
N ASP B 237 -15.14 -12.85 -22.37
CA ASP B 237 -16.02 -12.84 -21.22
C ASP B 237 -16.00 -14.21 -20.56
N PRO B 238 -15.55 -14.33 -19.30
CA PRO B 238 -15.39 -15.66 -18.70
C PRO B 238 -16.71 -16.38 -18.41
N ASP B 239 -17.83 -15.67 -18.31
CA ASP B 239 -19.10 -16.34 -18.01
C ASP B 239 -19.72 -16.98 -19.24
N THR B 240 -19.56 -16.35 -20.42
CA THR B 240 -20.10 -16.90 -21.67
C THR B 240 -19.03 -17.50 -22.56
N GLY B 241 -17.78 -17.07 -22.44
CA GLY B 241 -16.73 -17.51 -23.33
C GLY B 241 -16.64 -16.75 -24.63
N ARG B 242 -17.48 -15.74 -24.83
CA ARG B 242 -17.52 -15.02 -26.09
C ARG B 242 -16.36 -14.04 -26.23
N ASN B 243 -15.87 -13.91 -27.46
CA ASN B 243 -14.75 -13.03 -27.78
C ASN B 243 -15.25 -11.60 -27.93
N LEU B 244 -14.79 -10.71 -27.05
CA LEU B 244 -15.19 -9.31 -27.09
C LEU B 244 -14.27 -8.44 -27.94
N GLY B 245 -13.15 -8.98 -28.42
CA GLY B 245 -12.26 -8.23 -29.28
C GLY B 245 -10.87 -8.82 -29.41
N GLU B 246 -10.23 -8.63 -30.57
CA GLU B 246 -8.87 -9.09 -30.78
C GLU B 246 -7.88 -8.01 -30.36
N PHE B 247 -6.76 -8.45 -29.81
CA PHE B 247 -5.68 -7.58 -29.39
C PHE B 247 -4.36 -8.21 -29.83
N LYS B 248 -3.32 -7.39 -29.89
CA LYS B 248 -1.97 -7.88 -30.13
C LYS B 248 -1.08 -7.49 -28.96
N ALA B 249 -0.33 -8.46 -28.45
CA ALA B 249 0.73 -8.20 -27.48
C ALA B 249 2.06 -8.25 -28.20
N TYR B 250 2.85 -7.25 -28.00
CA TYR B 250 4.13 -7.21 -28.69
C TYR B 250 5.25 -7.68 -27.76
N PRO B 251 6.33 -8.24 -28.32
CA PRO B 251 7.39 -8.79 -27.47
C PRO B 251 7.94 -7.84 -26.42
N ASP B 252 7.98 -6.54 -26.71
CA ASP B 252 8.51 -5.58 -25.74
C ASP B 252 7.62 -5.45 -24.51
N GLY B 253 6.39 -5.97 -24.55
CA GLY B 253 5.57 -6.04 -23.36
C GLY B 253 4.44 -5.04 -23.30
N PHE B 254 3.73 -4.86 -24.41
CA PHE B 254 2.60 -3.96 -24.44
C PHE B 254 1.55 -4.54 -25.37
N LEU B 255 0.31 -4.12 -25.16
CA LEU B 255 -0.81 -4.57 -25.96
C LEU B 255 -1.34 -3.43 -26.80
N THR B 256 -1.91 -3.77 -27.95
CA THR B 256 -2.51 -2.79 -28.84
C THR B 256 -3.84 -3.32 -29.34
N CYS B 257 -4.58 -2.43 -29.98
CA CYS B 257 -5.84 -2.78 -30.63
C CYS B 257 -6.14 -1.70 -31.64
N VAL B 258 -7.03 -2.02 -32.57
CA VAL B 258 -7.59 -1.02 -33.48
C VAL B 258 -8.98 -0.67 -32.94
N PRO B 259 -9.17 0.53 -32.41
CA PRO B 259 -10.43 0.81 -31.69
C PRO B 259 -11.59 1.12 -32.62
N ASN B 260 -11.31 1.86 -33.71
CA ASN B 260 -12.35 2.44 -34.55
C ASN B 260 -13.32 3.26 -33.70
N GLY B 261 -12.74 4.09 -32.83
CA GLY B 261 -13.51 4.96 -31.96
C GLY B 261 -13.07 4.95 -30.51
N ALA B 262 -12.97 6.14 -29.91
CA ALA B 262 -12.69 6.28 -28.48
C ALA B 262 -13.96 6.35 -27.65
N SER B 263 -15.10 6.67 -28.26
CA SER B 263 -16.39 6.62 -27.59
C SER B 263 -17.11 5.29 -27.81
N SER B 264 -16.55 4.43 -28.65
CA SER B 264 -17.09 3.09 -28.89
C SER B 264 -15.88 2.21 -29.25
N GLY B 265 -15.25 1.63 -28.23
CA GLY B 265 -14.07 0.84 -28.41
C GLY B 265 -13.61 0.16 -27.14
N PRO B 266 -12.29 0.02 -26.99
CA PRO B 266 -11.77 -0.72 -25.83
C PRO B 266 -12.12 -0.09 -24.49
N GLN B 267 -12.22 1.25 -24.43
CA GLN B 267 -12.57 1.90 -23.18
C GLN B 267 -13.96 1.51 -22.70
N GLN B 268 -14.84 1.14 -23.63
CA GLN B 268 -16.20 0.76 -23.30
C GLN B 268 -16.35 -0.71 -22.98
N LEU B 269 -15.29 -1.50 -23.14
CA LEU B 269 -15.34 -2.91 -22.79
C LEU B 269 -15.52 -3.08 -21.28
N PRO B 270 -16.20 -4.15 -20.86
CA PRO B 270 -16.25 -4.45 -19.43
C PRO B 270 -14.88 -4.92 -18.95
N ILE B 271 -14.64 -4.75 -17.65
CA ILE B 271 -13.34 -5.13 -17.07
C ILE B 271 -13.38 -6.51 -16.44
N ASN B 272 -14.48 -7.24 -16.54
CA ASN B 272 -14.56 -8.57 -15.98
C ASN B 272 -14.08 -9.63 -16.96
N GLY B 273 -13.38 -9.24 -18.02
CA GLY B 273 -12.94 -10.16 -19.05
C GLY B 273 -11.51 -10.62 -18.83
N VAL B 274 -11.10 -11.59 -19.66
CA VAL B 274 -9.80 -12.24 -19.54
C VAL B 274 -9.12 -12.24 -20.89
N PHE B 275 -7.83 -11.89 -20.91
CA PHE B 275 -7.03 -11.98 -22.14
C PHE B 275 -6.51 -13.40 -22.31
N VAL B 276 -6.79 -13.98 -23.49
CA VAL B 276 -6.41 -15.34 -23.80
C VAL B 276 -5.51 -15.31 -25.03
N PHE B 277 -4.36 -15.98 -24.94
CA PHE B 277 -3.48 -16.11 -26.08
C PHE B 277 -4.11 -17.04 -27.12
N VAL B 278 -4.10 -16.62 -28.38
CA VAL B 278 -4.67 -17.42 -29.48
C VAL B 278 -3.56 -18.05 -30.33
N SER B 279 -2.66 -17.24 -30.87
CA SER B 279 -1.58 -17.75 -31.69
C SER B 279 -0.57 -16.65 -31.95
N TRP B 280 0.62 -17.04 -32.38
CA TRP B 280 1.62 -16.11 -32.86
C TRP B 280 1.26 -15.66 -34.27
N VAL B 281 1.31 -14.35 -34.52
CA VAL B 281 0.99 -13.78 -35.81
C VAL B 281 2.13 -12.86 -36.22
N SER B 282 2.06 -12.38 -37.45
CA SER B 282 3.00 -11.37 -37.90
C SER B 282 2.76 -10.06 -37.15
N ARG B 283 3.83 -9.29 -36.97
CA ARG B 283 3.69 -7.97 -36.37
C ARG B 283 2.81 -7.06 -37.20
N PHE B 284 2.61 -7.39 -38.47
CA PHE B 284 1.74 -6.65 -39.37
C PHE B 284 0.35 -7.27 -39.51
N TYR B 285 0.04 -8.30 -38.74
CA TYR B 285 -1.31 -8.86 -38.72
C TYR B 285 -2.31 -7.75 -38.42
N GLN B 286 -3.30 -7.60 -39.29
CA GLN B 286 -4.26 -6.51 -39.19
C GLN B 286 -5.46 -6.97 -38.37
N LEU B 287 -5.70 -6.28 -37.26
CA LEU B 287 -6.74 -6.65 -36.31
C LEU B 287 -8.12 -6.22 -36.76
N LYS B 288 -9.13 -6.95 -36.31
CA LYS B 288 -10.50 -6.48 -36.46
C LYS B 288 -10.78 -5.41 -35.40
N PRO B 289 -11.41 -4.30 -35.79
CA PRO B 289 -11.67 -3.22 -34.83
C PRO B 289 -12.57 -3.65 -33.68
N VAL B 290 -12.29 -3.12 -32.49
CA VAL B 290 -13.05 -3.48 -31.30
C VAL B 290 -14.46 -2.91 -31.37
N GLY B 291 -14.58 -1.60 -31.55
CA GLY B 291 -15.86 -0.93 -31.62
C GLY B 291 -16.20 -0.46 -33.02
N THR B 292 -17.29 0.30 -33.10
CA THR B 292 -17.78 0.82 -34.37
C THR B 292 -17.68 2.34 -34.41
N GLN C 1 -23.19 -19.12 22.93
CA GLN C 1 -23.00 -17.68 23.04
C GLN C 1 -22.35 -17.32 24.36
N VAL C 2 -21.58 -16.24 24.34
CA VAL C 2 -21.10 -15.64 25.58
C VAL C 2 -22.26 -14.86 26.18
N GLN C 3 -22.50 -15.04 27.48
CA GLN C 3 -23.58 -14.34 28.14
C GLN C 3 -23.07 -13.80 29.46
N LEU C 4 -23.42 -12.56 29.75
CA LEU C 4 -23.11 -11.91 31.00
C LEU C 4 -24.43 -11.64 31.73
N GLN C 5 -24.58 -12.20 32.92
CA GLN C 5 -25.81 -12.05 33.70
C GLN C 5 -25.47 -11.32 34.99
N GLU C 6 -26.03 -10.14 35.16
CA GLU C 6 -25.80 -9.34 36.34
C GLU C 6 -26.99 -9.42 37.29
N SER C 7 -26.71 -9.25 38.57
CA SER C 7 -27.73 -9.20 39.61
C SER C 7 -27.32 -8.21 40.68
N GLY C 8 -28.28 -7.80 41.48
CA GLY C 8 -28.05 -6.82 42.53
C GLY C 8 -28.56 -5.44 42.16
N GLY C 9 -28.09 -4.45 42.89
CA GLY C 9 -28.49 -3.09 42.61
C GLY C 9 -29.86 -2.78 43.15
N GLY C 10 -30.35 -1.59 42.82
CA GLY C 10 -31.63 -1.13 43.32
C GLY C 10 -31.57 0.23 43.96
N LEU C 11 -32.48 0.49 44.90
CA LEU C 11 -32.60 1.77 45.57
C LEU C 11 -31.95 1.72 46.94
N VAL C 12 -31.20 2.76 47.27
CA VAL C 12 -30.59 2.89 48.59
C VAL C 12 -30.57 4.36 48.97
N GLN C 13 -30.62 4.63 50.27
CA GLN C 13 -30.47 5.98 50.77
C GLN C 13 -29.02 6.44 50.62
N ALA C 14 -28.83 7.75 50.52
CA ALA C 14 -27.49 8.31 50.47
C ALA C 14 -26.68 7.86 51.68
N GLY C 15 -25.43 7.51 51.45
CA GLY C 15 -24.58 6.95 52.49
C GLY C 15 -24.64 5.45 52.62
N GLY C 16 -25.64 4.80 52.01
CA GLY C 16 -25.80 3.37 52.14
C GLY C 16 -24.86 2.59 51.23
N SER C 17 -25.03 1.27 51.27
CA SER C 17 -24.20 0.34 50.53
C SER C 17 -25.06 -0.56 49.65
N LEU C 18 -24.40 -1.10 48.61
CA LEU C 18 -25.03 -1.98 47.64
C LEU C 18 -23.97 -2.91 47.08
N ARG C 19 -24.41 -4.10 46.64
CA ARG C 19 -23.55 -5.09 46.01
C ARG C 19 -24.07 -5.50 44.65
N LEU C 20 -23.15 -5.61 43.69
CA LEU C 20 -23.45 -6.06 42.35
C LEU C 20 -22.67 -7.35 42.08
N SER C 21 -23.25 -8.22 41.27
CA SER C 21 -22.58 -9.44 40.86
C SER C 21 -22.89 -9.70 39.40
N CYS C 22 -21.96 -10.37 38.71
CA CYS C 22 -22.11 -10.65 37.29
C CYS C 22 -21.42 -11.97 36.97
N ALA C 23 -22.14 -12.86 36.29
CA ALA C 23 -21.64 -14.17 35.92
C ALA C 23 -21.46 -14.26 34.41
N ALA C 24 -20.31 -14.78 33.98
CA ALA C 24 -20.03 -15.02 32.58
C ALA C 24 -20.24 -16.49 32.27
N SER C 25 -21.02 -16.78 31.22
CA SER C 25 -21.32 -18.14 30.83
C SER C 25 -21.17 -18.29 29.32
N GLY C 26 -21.22 -19.53 28.87
CA GLY C 26 -21.10 -19.84 27.45
C GLY C 26 -19.76 -20.46 27.12
N ARG C 27 -19.70 -20.95 25.88
CA ARG C 27 -18.51 -21.60 25.36
C ARG C 27 -17.45 -20.55 25.04
N MET C 28 -16.30 -20.65 25.69
CA MET C 28 -15.22 -19.70 25.52
C MET C 28 -13.90 -20.39 25.83
N PHE C 29 -12.81 -19.85 25.28
CA PHE C 29 -11.48 -20.41 25.51
C PHE C 29 -10.71 -19.69 26.59
N SER C 30 -10.93 -18.40 26.77
CA SER C 30 -10.20 -17.67 27.79
C SER C 30 -10.95 -16.40 28.16
N ILE C 31 -10.76 -15.96 29.40
CA ILE C 31 -11.31 -14.72 29.90
C ILE C 31 -10.18 -13.91 30.52
N ASN C 32 -10.10 -12.63 30.16
CA ASN C 32 -9.04 -11.80 30.70
C ASN C 32 -9.62 -10.93 31.82
N SER C 33 -9.78 -9.63 31.58
CA SER C 33 -10.27 -8.74 32.62
C SER C 33 -11.80 -8.72 32.66
N MET C 34 -12.33 -8.47 33.85
CA MET C 34 -13.76 -8.30 34.07
C MET C 34 -13.94 -6.99 34.82
N GLY C 35 -15.00 -6.27 34.49
CA GLY C 35 -15.14 -4.97 35.13
C GLY C 35 -16.56 -4.46 35.17
N TRP C 36 -16.70 -3.29 35.78
CA TRP C 36 -17.98 -2.62 35.95
C TRP C 36 -17.89 -1.23 35.36
N TYR C 37 -18.90 -0.86 34.59
CA TYR C 37 -19.03 0.46 34.00
C TYR C 37 -20.40 1.01 34.38
N ARG C 38 -20.58 2.31 34.22
CA ARG C 38 -21.86 2.91 34.55
C ARG C 38 -22.16 4.04 33.58
N GLN C 39 -23.44 4.28 33.37
CA GLN C 39 -23.87 5.36 32.49
C GLN C 39 -25.18 5.96 32.98
N ALA C 40 -25.17 7.27 33.23
CA ALA C 40 -26.43 7.89 33.57
C ALA C 40 -27.05 8.49 32.31
N PRO C 41 -28.38 8.61 32.25
CA PRO C 41 -29.01 9.19 31.05
C PRO C 41 -28.45 10.56 30.72
N GLY C 42 -28.10 10.75 29.45
CA GLY C 42 -27.52 12.00 28.99
C GLY C 42 -26.02 12.09 29.13
N LYS C 43 -25.39 11.17 29.86
CA LYS C 43 -23.95 11.17 30.06
C LYS C 43 -23.32 10.02 29.28
N GLU C 44 -22.00 10.00 29.25
CA GLU C 44 -21.28 8.92 28.57
C GLU C 44 -20.95 7.80 29.55
N ARG C 45 -20.76 6.61 28.99
CA ARG C 45 -20.35 5.47 29.78
C ARG C 45 -18.94 5.67 30.32
N GLU C 46 -18.73 5.32 31.59
CA GLU C 46 -17.45 5.55 32.24
C GLU C 46 -17.04 4.30 33.03
N LEU C 47 -15.74 4.12 33.19
CA LEU C 47 -15.22 3.01 33.95
C LEU C 47 -15.47 3.21 35.43
N VAL C 48 -15.86 2.13 36.12
CA VAL C 48 -15.98 2.14 37.57
C VAL C 48 -14.83 1.35 38.22
N ALA C 49 -14.68 0.09 37.84
CA ALA C 49 -13.59 -0.73 38.36
C ALA C 49 -13.42 -1.95 37.47
N THR C 50 -12.17 -2.39 37.32
CA THR C 50 -11.86 -3.63 36.63
C THR C 50 -10.95 -4.47 37.50
N ILE C 51 -10.93 -5.76 37.23
CA ILE C 51 -10.05 -6.70 37.93
C ILE C 51 -9.55 -7.71 36.91
N SER C 52 -8.23 -7.86 36.84
CA SER C 52 -7.63 -8.80 35.91
C SER C 52 -7.78 -10.23 36.42
N GLU C 53 -7.33 -11.19 35.62
CA GLU C 53 -7.45 -12.59 36.00
C GLU C 53 -6.47 -12.95 37.11
N ALA C 54 -5.34 -12.24 37.19
CA ALA C 54 -4.42 -12.40 38.31
C ALA C 54 -4.92 -11.78 39.60
N GLY C 55 -5.96 -10.95 39.54
CA GLY C 55 -6.48 -10.26 40.70
C GLY C 55 -6.12 -8.80 40.80
N THR C 56 -5.39 -8.26 39.83
CA THR C 56 -5.03 -6.85 39.85
C THR C 56 -6.26 -5.99 39.60
N THR C 57 -6.49 -5.01 40.47
CA THR C 57 -7.68 -4.18 40.43
C THR C 57 -7.32 -2.74 40.09
N THR C 58 -8.17 -2.10 39.29
CA THR C 58 -8.09 -0.68 38.98
C THR C 58 -9.44 -0.03 39.25
N TYR C 59 -9.42 1.20 39.76
CA TYR C 59 -10.64 1.92 40.10
C TYR C 59 -10.63 3.31 39.47
N ALA C 60 -11.83 3.83 39.24
CA ALA C 60 -11.98 5.22 38.84
C ALA C 60 -11.73 6.13 40.03
N ASP C 61 -11.32 7.37 39.73
CA ASP C 61 -10.99 8.32 40.79
C ASP C 61 -12.19 8.59 41.70
N SER C 62 -13.37 8.75 41.12
CA SER C 62 -14.56 9.13 41.88
C SER C 62 -15.03 8.04 42.85
N VAL C 63 -14.57 6.80 42.69
CA VAL C 63 -15.06 5.69 43.50
C VAL C 63 -13.98 4.98 44.30
N ARG C 64 -12.72 5.35 44.15
CA ARG C 64 -11.64 4.68 44.87
C ARG C 64 -11.80 4.86 46.38
N GLY C 65 -11.65 3.78 47.13
CA GLY C 65 -11.82 3.81 48.57
C GLY C 65 -13.21 3.49 49.04
N ARG C 66 -14.20 3.71 48.19
CA ARG C 66 -15.61 3.48 48.47
C ARG C 66 -16.12 2.17 47.89
N PHE C 67 -15.68 1.83 46.69
CA PHE C 67 -16.09 0.62 45.99
C PHE C 67 -15.01 -0.46 46.12
N THR C 68 -15.45 -1.71 46.04
CA THR C 68 -14.54 -2.86 46.09
C THR C 68 -14.95 -3.85 45.01
N ILE C 69 -14.00 -4.23 44.16
CA ILE C 69 -14.24 -5.22 43.11
C ILE C 69 -13.57 -6.53 43.49
N ALA C 70 -14.27 -7.63 43.25
CA ALA C 70 -13.77 -8.97 43.57
C ALA C 70 -14.17 -9.91 42.44
N ARG C 71 -13.53 -11.08 42.43
CA ARG C 71 -13.73 -12.03 41.33
C ARG C 71 -13.53 -13.45 41.80
N ASP C 72 -14.33 -14.36 41.28
CA ASP C 72 -14.21 -15.80 41.54
C ASP C 72 -13.93 -16.47 40.20
N ASN C 73 -12.66 -16.79 39.95
CA ASN C 73 -12.26 -17.33 38.65
C ASN C 73 -12.93 -18.65 38.34
N ALA C 74 -13.18 -19.48 39.35
CA ALA C 74 -13.76 -20.80 39.12
C ALA C 74 -15.19 -20.70 38.61
N LYS C 75 -15.90 -19.63 38.97
CA LYS C 75 -17.27 -19.40 38.49
C LYS C 75 -17.35 -18.29 37.45
N ASN C 76 -16.22 -17.69 37.09
CA ASN C 76 -16.18 -16.58 36.13
C ASN C 76 -17.15 -15.46 36.54
N THR C 77 -17.07 -15.08 37.81
CA THR C 77 -17.96 -14.08 38.39
C THR C 77 -17.16 -12.92 38.96
N VAL C 78 -17.64 -11.71 38.69
CA VAL C 78 -17.06 -10.47 39.21
C VAL C 78 -18.08 -9.82 40.14
N TYR C 79 -17.58 -9.18 41.21
CA TYR C 79 -18.42 -8.59 42.23
C TYR C 79 -18.01 -7.15 42.49
N LEU C 80 -19.00 -6.30 42.74
CA LEU C 80 -18.77 -4.91 43.10
C LEU C 80 -19.56 -4.58 44.36
N GLN C 81 -18.87 -4.29 45.45
CA GLN C 81 -19.50 -3.74 46.65
C GLN C 81 -19.25 -2.24 46.69
N MET C 82 -20.33 -1.46 46.74
CA MET C 82 -20.27 -0.01 46.73
C MET C 82 -20.65 0.53 48.11
N ASN C 83 -19.72 1.24 48.74
CA ASN C 83 -19.96 1.85 50.04
C ASN C 83 -20.00 3.37 49.93
N SER C 84 -20.64 3.99 50.92
CA SER C 84 -20.79 5.45 51.00
C SER C 84 -21.32 6.03 49.69
N LEU C 85 -22.46 5.49 49.24
CA LEU C 85 -23.06 5.94 47.99
C LEU C 85 -23.69 7.31 48.15
N ASN C 86 -23.50 8.14 47.14
CA ASN C 86 -24.10 9.48 47.08
C ASN C 86 -24.91 9.62 45.79
N PRO C 87 -25.76 10.64 45.66
CA PRO C 87 -26.68 10.68 44.50
C PRO C 87 -26.01 10.75 43.14
N GLU C 88 -24.74 11.14 43.07
CA GLU C 88 -24.04 11.17 41.78
C GLU C 88 -23.65 9.78 41.30
N ASP C 89 -23.84 8.75 42.14
CA ASP C 89 -23.57 7.37 41.76
C ASP C 89 -24.77 6.72 41.07
N THR C 90 -25.88 7.44 40.97
CA THR C 90 -27.08 6.92 40.32
C THR C 90 -26.80 6.72 38.84
N ALA C 91 -26.94 5.49 38.37
CA ALA C 91 -26.65 5.16 36.97
C ALA C 91 -27.13 3.75 36.69
N VAL C 92 -27.07 3.37 35.42
CA VAL C 92 -27.15 1.99 35.01
C VAL C 92 -25.74 1.42 35.04
N TYR C 93 -25.56 0.32 35.75
CA TYR C 93 -24.24 -0.28 35.92
C TYR C 93 -24.14 -1.49 35.01
N TYR C 94 -23.06 -1.57 34.24
CA TYR C 94 -22.88 -2.61 33.25
C TYR C 94 -21.69 -3.48 33.60
N CYS C 95 -21.89 -4.78 33.49
CA CYS C 95 -20.82 -5.74 33.62
C CYS C 95 -20.07 -5.84 32.29
N ASN C 96 -18.77 -6.11 32.38
CA ASN C 96 -17.90 -6.09 31.21
C ASN C 96 -16.88 -7.22 31.34
N ALA C 97 -16.52 -7.82 30.20
CA ALA C 97 -15.54 -8.89 30.19
C ALA C 97 -14.91 -9.00 28.82
N TYR C 98 -13.59 -9.18 28.80
CA TYR C 98 -12.85 -9.42 27.57
C TYR C 98 -12.62 -10.93 27.43
N ILE C 99 -13.27 -11.54 26.45
CA ILE C 99 -13.31 -12.98 26.30
C ILE C 99 -12.73 -13.38 24.96
N GLN C 100 -11.93 -14.44 24.97
CA GLN C 100 -11.34 -15.05 23.79
C GLN C 100 -12.17 -16.28 23.43
N LEU C 101 -12.85 -16.22 22.28
CA LEU C 101 -13.72 -17.32 21.87
C LEU C 101 -12.94 -18.60 21.59
N ASP C 102 -11.83 -18.51 20.86
CA ASP C 102 -11.03 -19.70 20.56
C ASP C 102 -9.55 -19.36 20.58
N SER C 103 -8.73 -20.42 20.58
CA SER C 103 -7.29 -20.25 20.71
C SER C 103 -6.68 -19.50 19.53
N THR C 104 -7.32 -19.51 18.37
CA THR C 104 -6.81 -18.85 17.18
C THR C 104 -7.27 -17.40 17.04
N ILE C 105 -8.15 -16.94 17.91
CA ILE C 105 -8.89 -15.70 17.75
C ILE C 105 -8.53 -14.75 18.88
N TRP C 106 -8.53 -13.45 18.58
CA TRP C 106 -8.21 -12.44 19.58
C TRP C 106 -9.42 -12.18 20.49
N PHE C 107 -9.21 -11.32 21.49
CA PHE C 107 -10.22 -10.99 22.50
C PHE C 107 -11.31 -10.08 21.95
N ARG C 108 -12.47 -10.12 22.62
CA ARG C 108 -13.59 -9.24 22.35
C ARG C 108 -14.23 -8.81 23.66
N ALA C 109 -14.72 -7.57 23.71
CA ALA C 109 -15.42 -7.05 24.87
C ALA C 109 -16.90 -7.43 24.80
N TYR C 110 -17.40 -8.03 25.87
CA TYR C 110 -18.82 -8.38 25.98
C TYR C 110 -19.42 -7.64 27.16
N TRP C 111 -20.72 -7.34 27.05
CA TRP C 111 -21.40 -6.52 28.04
C TRP C 111 -22.65 -7.23 28.56
N GLY C 112 -22.95 -6.96 29.83
CA GLY C 112 -24.19 -7.41 30.42
C GLY C 112 -25.35 -6.52 30.02
N GLN C 113 -26.53 -6.92 30.47
CA GLN C 113 -27.74 -6.20 30.09
C GLN C 113 -27.86 -4.86 30.80
N GLY C 114 -27.30 -4.74 32.00
CA GLY C 114 -27.45 -3.49 32.73
C GLY C 114 -28.34 -3.59 33.96
N THR C 115 -27.88 -3.03 35.07
CA THR C 115 -28.65 -3.02 36.30
C THR C 115 -28.70 -1.60 36.85
N GLN C 116 -29.90 -1.14 37.18
CA GLN C 116 -30.07 0.21 37.67
C GLN C 116 -29.65 0.33 39.13
N VAL C 117 -28.96 1.41 39.45
CA VAL C 117 -28.59 1.76 40.82
C VAL C 117 -29.10 3.17 41.07
N THR C 118 -29.96 3.34 42.07
CA THR C 118 -30.56 4.63 42.38
C THR C 118 -30.24 5.00 43.83
N VAL C 119 -29.63 6.16 44.03
CA VAL C 119 -29.29 6.67 45.35
C VAL C 119 -30.10 7.94 45.58
N SER C 120 -31.12 7.84 46.45
CA SER C 120 -31.94 9.00 46.79
C SER C 120 -31.32 9.78 47.93
N SER C 121 -31.81 11.00 48.13
CA SER C 121 -31.30 11.87 49.18
C SER C 121 -32.38 12.21 50.21
N GLN D 1 24.49 18.40 -23.11
CA GLN D 1 23.77 18.58 -21.85
C GLN D 1 22.92 19.84 -21.88
N VAL D 2 21.81 19.83 -21.13
CA VAL D 2 21.04 21.06 -20.99
C VAL D 2 21.82 22.00 -20.07
N GLN D 3 21.99 23.24 -20.53
CA GLN D 3 22.77 24.21 -19.80
C GLN D 3 22.14 25.59 -19.89
N LEU D 4 22.22 26.33 -18.79
CA LEU D 4 21.77 27.71 -18.71
C LEU D 4 22.99 28.59 -18.53
N GLN D 5 23.18 29.53 -19.45
CA GLN D 5 24.34 30.42 -19.40
C GLN D 5 23.87 31.86 -19.25
N GLU D 6 24.29 32.51 -18.18
CA GLU D 6 23.94 33.88 -17.89
C GLU D 6 25.03 34.83 -18.37
N SER D 7 24.62 36.04 -18.73
CA SER D 7 25.54 37.09 -19.14
C SER D 7 24.99 38.42 -18.61
N GLY D 8 25.87 39.39 -18.52
CA GLY D 8 25.50 40.69 -18.00
C GLY D 8 25.93 40.86 -16.56
N GLY D 9 25.32 41.85 -15.92
CA GLY D 9 25.62 42.14 -14.53
C GLY D 9 26.91 42.91 -14.36
N GLY D 10 27.26 43.12 -13.10
CA GLY D 10 28.43 43.90 -12.73
C GLY D 10 28.05 44.95 -11.71
N LEU D 11 28.85 46.02 -11.67
CA LEU D 11 28.69 47.10 -10.72
C LEU D 11 28.10 48.35 -11.40
N VAL D 12 27.17 49.01 -10.71
CA VAL D 12 26.56 50.25 -11.17
C VAL D 12 26.32 51.15 -9.97
N GLN D 13 26.28 52.46 -10.23
CA GLN D 13 25.85 53.40 -9.21
C GLN D 13 24.36 53.25 -8.96
N ALA D 14 23.93 53.58 -7.75
CA ALA D 14 22.51 53.57 -7.44
C ALA D 14 21.76 54.47 -8.41
N GLY D 15 20.59 54.02 -8.83
CA GLY D 15 19.83 54.69 -9.86
C GLY D 15 20.15 54.26 -11.28
N GLY D 16 21.25 53.54 -11.48
CA GLY D 16 21.68 53.13 -12.80
C GLY D 16 20.91 51.93 -13.32
N SER D 17 21.33 51.46 -14.49
CA SER D 17 20.67 50.37 -15.19
C SER D 17 21.63 49.23 -15.48
N LEU D 18 21.05 48.04 -15.65
CA LEU D 18 21.78 46.83 -15.97
C LEU D 18 20.84 45.89 -16.72
N ARG D 19 21.42 45.06 -17.57
CA ARG D 19 20.64 44.05 -18.26
C ARG D 19 21.28 42.69 -18.03
N LEU D 20 20.45 41.70 -17.75
CA LEU D 20 20.87 40.32 -17.59
C LEU D 20 20.22 39.52 -18.70
N SER D 21 20.94 38.52 -19.20
CA SER D 21 20.40 37.65 -20.23
C SER D 21 20.83 36.23 -19.91
N CYS D 22 20.01 35.28 -20.34
CA CYS D 22 20.28 33.88 -20.05
C CYS D 22 19.82 33.05 -21.22
N ALA D 23 20.72 32.22 -21.73
CA ALA D 23 20.47 31.37 -22.89
C ALA D 23 20.46 29.92 -22.47
N ALA D 24 19.44 29.19 -22.92
CA ALA D 24 19.33 27.76 -22.69
C ALA D 24 19.78 27.04 -23.94
N SER D 25 20.66 26.05 -23.78
CA SER D 25 21.15 25.27 -24.90
C SER D 25 21.14 23.79 -24.53
N GLY D 26 21.32 22.96 -25.55
CA GLY D 26 21.31 21.52 -25.39
C GLY D 26 20.05 20.90 -25.95
N ARG D 27 20.06 19.57 -26.02
CA ARG D 27 18.92 18.83 -26.55
C ARG D 27 17.81 18.81 -25.52
N MET D 28 16.65 19.35 -25.90
CA MET D 28 15.50 19.46 -25.01
C MET D 28 14.24 19.49 -25.85
N PHE D 29 13.11 19.15 -25.23
CA PHE D 29 11.85 19.09 -25.97
C PHE D 29 11.00 20.33 -25.79
N SER D 30 11.03 20.96 -24.62
CA SER D 30 10.22 22.16 -24.40
C SER D 30 10.73 22.90 -23.18
N ILE D 31 10.47 24.20 -23.16
CA ILE D 31 10.77 25.06 -22.02
C ILE D 31 9.47 25.73 -21.60
N ASN D 32 9.17 25.66 -20.30
CA ASN D 32 7.95 26.25 -19.81
C ASN D 32 8.30 27.64 -19.29
N SER D 33 8.28 27.85 -17.99
CA SER D 33 8.57 29.18 -17.49
C SER D 33 10.07 29.38 -17.35
N MET D 34 10.49 30.62 -17.52
CA MET D 34 11.86 31.05 -17.33
C MET D 34 11.82 32.21 -16.36
N GLY D 35 12.82 32.30 -15.48
CA GLY D 35 12.75 33.37 -14.51
C GLY D 35 14.10 33.76 -13.96
N TRP D 36 14.07 34.75 -13.08
CA TRP D 36 15.25 35.29 -12.43
C TRP D 36 15.05 35.23 -10.93
N TYR D 37 16.07 34.75 -10.23
CA TYR D 37 16.07 34.67 -8.79
C TYR D 37 17.33 35.36 -8.30
N ARG D 38 17.35 35.71 -7.02
CA ARG D 38 18.51 36.38 -6.47
C ARG D 38 18.69 35.98 -5.02
N GLN D 39 19.93 36.06 -4.55
CA GLN D 39 20.22 35.79 -3.15
C GLN D 39 21.28 36.79 -2.72
N ALA D 40 20.92 37.60 -1.73
CA ALA D 40 21.74 38.62 -1.10
C ALA D 40 22.41 38.08 0.14
N PRO D 41 23.52 38.67 0.56
CA PRO D 41 24.22 38.18 1.76
C PRO D 41 23.29 38.08 2.96
N GLY D 42 23.32 36.92 3.62
CA GLY D 42 22.53 36.68 4.80
C GLY D 42 21.11 36.25 4.55
N LYS D 43 20.61 36.33 3.32
CA LYS D 43 19.24 35.99 2.99
C LYS D 43 19.18 34.70 2.17
N GLU D 44 17.95 34.24 1.98
CA GLU D 44 17.69 33.06 1.17
C GLU D 44 17.39 33.48 -0.27
N ARG D 45 17.54 32.54 -1.19
CA ARG D 45 17.22 32.80 -2.58
C ARG D 45 15.74 33.13 -2.72
N GLU D 46 15.43 34.18 -3.47
CA GLU D 46 14.06 34.65 -3.60
C GLU D 46 13.77 34.99 -5.06
N LEU D 47 12.48 34.94 -5.39
CA LEU D 47 12.03 35.22 -6.74
C LEU D 47 12.17 36.71 -7.07
N VAL D 48 12.63 37.00 -8.29
CA VAL D 48 12.65 38.36 -8.83
C VAL D 48 11.57 38.54 -9.89
N ALA D 49 11.56 37.70 -10.92
CA ALA D 49 10.56 37.75 -11.97
C ALA D 49 10.56 36.45 -12.75
N THR D 50 9.38 36.05 -13.22
CA THR D 50 9.22 34.92 -14.13
C THR D 50 8.40 35.35 -15.35
N ILE D 51 8.57 34.60 -16.44
CA ILE D 51 7.82 34.83 -17.67
C ILE D 51 7.49 33.48 -18.30
N SER D 52 6.22 33.27 -18.60
CA SER D 52 5.77 32.03 -19.22
C SER D 52 6.09 32.03 -20.70
N GLU D 53 5.83 30.91 -21.37
CA GLU D 53 6.12 30.83 -22.80
C GLU D 53 5.13 31.65 -23.61
N ALA D 54 3.92 31.84 -23.09
CA ALA D 54 2.97 32.76 -23.72
C ALA D 54 3.34 34.22 -23.49
N GLY D 55 4.28 34.50 -22.57
CA GLY D 55 4.67 35.86 -22.27
C GLY D 55 4.12 36.43 -20.98
N THR D 56 3.36 35.65 -20.21
CA THR D 56 2.78 36.15 -18.97
C THR D 56 3.89 36.39 -17.94
N THR D 57 3.89 37.58 -17.35
CA THR D 57 4.94 38.01 -16.43
C THR D 57 4.42 38.15 -15.01
N THR D 58 5.25 37.75 -14.05
CA THR D 58 5.01 37.97 -12.64
C THR D 58 6.29 38.56 -12.05
N TYR D 59 6.13 39.52 -11.15
CA TYR D 59 7.28 40.20 -10.54
C TYR D 59 7.16 40.15 -9.02
N ALA D 60 8.30 40.21 -8.35
CA ALA D 60 8.27 40.39 -6.91
C ALA D 60 7.86 41.83 -6.58
N ASP D 61 7.31 42.00 -5.38
CA ASP D 61 6.86 43.33 -4.97
C ASP D 61 8.01 44.33 -5.00
N SER D 62 9.19 43.91 -4.56
CA SER D 62 10.31 44.82 -4.38
C SER D 62 10.85 45.41 -5.68
N VAL D 63 10.55 44.79 -6.82
CA VAL D 63 11.11 45.22 -8.10
C VAL D 63 10.05 45.60 -9.12
N ARG D 64 8.76 45.47 -8.79
CA ARG D 64 7.73 45.86 -9.74
C ARG D 64 7.84 47.34 -10.08
N GLY D 65 7.79 47.64 -11.37
CA GLY D 65 7.95 48.97 -11.88
C GLY D 65 9.38 49.33 -12.28
N ARG D 66 10.38 48.69 -11.66
CA ARG D 66 11.77 48.97 -11.98
C ARG D 66 12.40 47.92 -12.87
N PHE D 67 12.11 46.65 -12.65
CA PHE D 67 12.67 45.57 -13.47
C PHE D 67 11.65 45.13 -14.51
N THR D 68 12.15 44.66 -15.65
CA THR D 68 11.31 44.16 -16.73
C THR D 68 11.91 42.86 -17.25
N ILE D 69 11.09 41.82 -17.31
CA ILE D 69 11.52 40.52 -17.80
C ILE D 69 10.96 40.34 -19.21
N ALA D 70 11.80 39.79 -20.09
CA ALA D 70 11.42 39.56 -21.48
C ALA D 70 11.95 38.20 -21.90
N ARG D 71 11.43 37.71 -23.02
CA ARG D 71 11.79 36.37 -23.47
C ARG D 71 11.72 36.29 -24.99
N ASP D 72 12.68 35.59 -25.57
CA ASP D 72 12.73 35.32 -27.00
C ASP D 72 12.69 33.80 -27.18
N ASN D 73 11.51 33.27 -27.50
CA ASN D 73 11.34 31.84 -27.62
C ASN D 73 12.18 31.25 -28.75
N ALA D 74 12.42 32.02 -29.82
CA ALA D 74 13.16 31.50 -30.96
C ALA D 74 14.61 31.20 -30.61
N LYS D 75 15.19 31.93 -29.67
CA LYS D 75 16.56 31.69 -29.21
C LYS D 75 16.61 31.09 -27.82
N ASN D 76 15.45 30.85 -27.20
CA ASN D 76 15.34 30.29 -25.85
C ASN D 76 16.18 31.10 -24.85
N THR D 77 16.04 32.42 -24.91
CA THR D 77 16.78 33.33 -24.06
C THR D 77 15.81 34.19 -23.26
N VAL D 78 16.10 34.40 -21.98
CA VAL D 78 15.29 35.25 -21.13
C VAL D 78 16.15 36.45 -20.72
N TYR D 79 15.50 37.61 -20.59
CA TYR D 79 16.18 38.87 -20.33
C TYR D 79 15.57 39.56 -19.12
N LEU D 80 16.42 40.23 -18.35
CA LEU D 80 15.98 41.06 -17.23
C LEU D 80 16.61 42.43 -17.40
N GLN D 81 15.78 43.43 -17.62
CA GLN D 81 16.20 44.83 -17.66
C GLN D 81 15.96 45.41 -16.28
N MET D 82 17.04 45.82 -15.62
CA MET D 82 16.97 46.35 -14.26
C MET D 82 17.23 47.85 -14.33
N ASN D 83 16.20 48.63 -14.03
CA ASN D 83 16.31 50.09 -13.96
C ASN D 83 16.12 50.55 -12.52
N SER D 84 16.62 51.75 -12.23
CA SER D 84 16.52 52.35 -10.90
C SER D 84 17.01 51.40 -9.82
N LEU D 85 18.25 50.94 -9.99
CA LEU D 85 18.85 50.03 -9.03
C LEU D 85 19.20 50.79 -7.75
N ASN D 86 18.92 50.16 -6.61
CA ASN D 86 19.24 50.69 -5.30
C ASN D 86 20.06 49.66 -4.54
N PRO D 87 20.63 50.03 -3.40
CA PRO D 87 21.52 49.09 -2.69
C PRO D 87 20.87 47.80 -2.26
N GLU D 88 19.55 47.74 -2.17
CA GLU D 88 18.89 46.48 -1.81
C GLU D 88 18.84 45.49 -2.96
N ASP D 89 19.25 45.90 -4.17
CA ASP D 89 19.28 45.01 -5.31
C ASP D 89 20.60 44.24 -5.41
N THR D 90 21.57 44.53 -4.56
CA THR D 90 22.84 43.81 -4.58
C THR D 90 22.64 42.36 -4.16
N ALA D 91 22.96 41.44 -5.05
CA ALA D 91 22.79 40.01 -4.80
C ALA D 91 23.46 39.25 -5.93
N VAL D 92 23.52 37.93 -5.78
CA VAL D 92 23.83 37.02 -6.87
C VAL D 92 22.53 36.68 -7.57
N TYR D 93 22.47 36.89 -8.88
CA TYR D 93 21.25 36.68 -9.64
C TYR D 93 21.34 35.38 -10.42
N TYR D 94 20.30 34.57 -10.34
CA TYR D 94 20.27 33.26 -10.98
C TYR D 94 19.18 33.20 -12.04
N CYS D 95 19.54 32.63 -13.18
CA CYS D 95 18.57 32.29 -14.21
C CYS D 95 17.94 30.94 -13.88
N ASN D 96 16.67 30.79 -14.25
CA ASN D 96 15.92 29.60 -13.91
C ASN D 96 15.02 29.23 -15.08
N ALA D 97 14.82 27.92 -15.27
CA ALA D 97 13.98 27.46 -16.37
C ALA D 97 13.48 26.05 -16.06
N TYR D 98 12.20 25.81 -16.37
CA TYR D 98 11.59 24.50 -16.27
C TYR D 98 11.58 23.88 -17.66
N ILE D 99 12.37 22.83 -17.85
CA ILE D 99 12.65 22.27 -19.16
C ILE D 99 12.24 20.79 -19.21
N GLN D 100 11.67 20.39 -20.35
CA GLN D 100 11.29 19.02 -20.64
C GLN D 100 12.39 18.41 -21.51
N LEU D 101 13.10 17.41 -20.98
CA LEU D 101 14.17 16.79 -21.77
C LEU D 101 13.61 16.10 -23.00
N ASP D 102 12.52 15.34 -22.83
CA ASP D 102 11.87 14.64 -23.93
C ASP D 102 10.36 14.69 -23.70
N SER D 103 9.62 14.33 -24.75
CA SER D 103 8.17 14.43 -24.73
C SER D 103 7.53 13.51 -23.69
N THR D 104 8.21 12.44 -23.30
CA THR D 104 7.68 11.47 -22.35
C THR D 104 8.00 11.82 -20.91
N ILE D 105 8.76 12.88 -20.68
CA ILE D 105 9.36 13.15 -19.38
C ILE D 105 8.79 14.45 -18.82
N TRP D 106 8.65 14.50 -17.49
CA TRP D 106 8.14 15.68 -16.82
C TRP D 106 9.22 16.76 -16.75
N PHE D 107 8.85 17.93 -16.24
CA PHE D 107 9.73 19.08 -16.16
C PHE D 107 10.75 18.91 -15.05
N ARG D 108 11.86 19.64 -15.21
CA ARG D 108 12.91 19.72 -14.21
C ARG D 108 13.37 21.17 -14.14
N ALA D 109 13.73 21.63 -12.94
CA ALA D 109 14.25 22.98 -12.78
C ALA D 109 15.74 23.00 -13.04
N TYR D 110 16.17 23.91 -13.92
CA TYR D 110 17.58 24.13 -14.20
C TYR D 110 17.95 25.55 -13.83
N TRP D 111 19.21 25.75 -13.46
CA TRP D 111 19.69 27.04 -12.97
C TRP D 111 20.94 27.46 -13.73
N GLY D 112 21.12 28.77 -13.84
CA GLY D 112 22.34 29.33 -14.37
C GLY D 112 23.44 29.31 -13.32
N GLN D 113 24.62 29.77 -13.72
CA GLN D 113 25.78 29.66 -12.83
C GLN D 113 25.72 30.66 -11.68
N GLY D 114 25.07 31.81 -11.89
CA GLY D 114 24.97 32.85 -10.89
C GLY D 114 25.87 34.02 -11.24
N THR D 115 25.34 35.24 -11.31
CA THR D 115 26.12 36.43 -11.66
C THR D 115 25.86 37.53 -10.64
N GLN D 116 26.96 38.11 -10.14
CA GLN D 116 26.87 39.15 -9.14
C GLN D 116 26.40 40.46 -9.77
N VAL D 117 25.50 41.12 -9.06
CA VAL D 117 25.06 42.48 -9.38
C VAL D 117 25.31 43.30 -8.13
N THR D 118 26.16 44.32 -8.23
CA THR D 118 26.54 45.14 -7.10
C THR D 118 26.20 46.59 -7.39
N VAL D 119 25.45 47.20 -6.48
CA VAL D 119 25.01 48.58 -6.59
C VAL D 119 25.75 49.36 -5.50
N SER D 120 26.65 50.25 -5.92
CA SER D 120 27.45 51.01 -4.98
C SER D 120 26.68 52.21 -4.43
C1 GLC E . 2.44 7.20 24.27
C2 GLC E . 2.79 5.72 24.43
C3 GLC E . 2.35 4.95 23.18
C4 GLC E . 0.86 5.22 22.92
C5 GLC E . 0.67 6.74 22.82
C6 GLC E . -0.80 7.12 22.63
O1 GLC E . 3.14 7.71 23.18
O2 GLC E . 4.17 5.59 24.61
O3 GLC E . 2.58 3.59 23.35
O4 GLC E . 0.48 4.58 21.73
O5 GLC E . 1.07 7.34 24.02
O6 GLC E . -1.58 6.69 23.71
C1 GAL E . -0.65 3.70 21.94
C2 GAL E . -1.14 3.30 20.55
C3 GAL E . -2.26 2.28 20.65
C4 GAL E . -1.84 1.11 21.52
C5 GAL E . -1.37 1.60 22.90
C6 GAL E . -0.91 0.46 23.80
O2 GAL E . -1.60 4.48 19.88
O3 GAL E . -2.61 1.81 19.35
O4 GAL E . -0.79 0.36 20.90
O5 GAL E . -0.30 2.55 22.72
O6 GAL E . -0.57 0.91 25.11
C1 FUC E . -1.09 4.49 18.53
C2 FUC E . -2.04 5.34 17.69
C3 FUC E . -1.96 6.80 18.08
C4 FUC E . -0.53 7.30 17.98
C5 FUC E . 0.37 6.41 18.85
C6 FUC E . 1.84 6.80 18.75
O2 FUC E . -3.38 4.85 17.85
O3 FUC E . -2.80 7.58 17.21
O4 FUC E . -0.10 7.26 16.62
O5 FUC E . 0.24 5.03 18.48
C1 GLC F . -4.31 24.98 0.12
C2 GLC F . -4.68 24.52 -1.30
C3 GLC F . -3.97 23.22 -1.69
C4 GLC F . -2.50 23.23 -1.29
C5 GLC F . -2.40 23.65 0.18
C6 GLC F . -0.95 23.73 0.67
O1 GLC F . -4.92 24.12 1.05
O2 GLC F . -6.05 24.35 -1.37
O3 GLC F . -4.06 23.05 -3.07
O4 GLC F . -1.98 21.95 -1.47
O5 GLC F . -2.92 24.94 0.31
O6 GLC F . -0.16 24.50 -0.19
C1 GAL F . -0.86 21.96 -2.40
C2 GAL F . -0.25 20.56 -2.39
C3 GAL F . 0.95 20.52 -3.33
C4 GAL F . 0.53 20.96 -4.72
C5 GAL F . -0.14 22.34 -4.66
C6 GAL F . -0.61 22.83 -6.03
O2 GAL F . 0.13 20.26 -1.06
O3 GAL F . 1.50 19.20 -3.38
O4 GAL F . -0.39 20.02 -5.27
O5 GAL F . -1.25 22.30 -3.74
O6 GAL F . -1.06 24.18 -5.96
C1 FUC F . -0.35 18.95 -0.71
C2 FUC F . 0.60 18.40 0.35
C3 FUC F . 0.44 19.16 1.66
C4 FUC F . -0.99 19.10 2.11
C5 FUC F . -1.90 19.67 1.01
C6 FUC F . -3.37 19.59 1.37
O2 FUC F . 1.95 18.54 -0.13
O3 FUC F . 1.29 18.57 2.64
O4 FUC F . -1.35 17.74 2.39
O5 FUC F . -1.70 18.97 -0.22
C1 EDO G . 2.36 -1.61 5.16
O1 EDO G . 3.61 -1.08 5.66
C2 EDO G . 1.88 -2.72 6.10
O2 EDO G . 0.55 -3.10 5.73
C1 EDO H . -1.92 4.94 -4.08
O1 EDO H . -0.71 4.34 -4.57
C2 EDO H . -2.50 4.09 -2.95
O2 EDO H . -3.76 4.65 -2.54
#